data_2FO5
#
_entry.id   2FO5
#
_cell.length_a   44.370
_cell.length_b   51.730
_cell.length_c   115.655
_cell.angle_alpha   86.32
_cell.angle_beta   86.46
_cell.angle_gamma   79.63
#
_symmetry.space_group_name_H-M   'P 1'
#
loop_
_entity.id
_entity.type
_entity.pdbx_description
1 polymer 'Cysteine proteinase EP-B 2'
2 polymer 'ACE-LEU-LEU-argininal (leupeptin)'
3 non-polymer 'SULFATE ION'
4 water water
#
loop_
_entity_poly.entity_id
_entity_poly.type
_entity_poly.pdbx_seq_one_letter_code
_entity_poly.pdbx_strand_id
1 'polypeptide(L)'
;VSDLPPSVDWRQKGAVTGVKDQGKCGSCWAFSTVVSVEGINAIRTGSLVSLSEQELIDCDTADNDGCQGGLMDNAFEYIK
NNGGLITEAAYPYRAARGTCNVARAAQNSPVVVHIDGHQDVPANSEEDLARAVANQPVSVAVEASGKAFMFYSEGVFTGE
CGTELDHGVAVVGYGVAEDGKAYWTVKNSWGPSWGEQGYIRVEKDSGASGGLCGIAMEASYPVKTYSKPKPTPRRALGAR
ESLNSSSVDKLAAALEHHHHHH
;
A,B,C,D
2 'polypeptide(L)' (ACE)LL(AR7) E,F,G,H
#
loop_
_chem_comp.id
_chem_comp.type
_chem_comp.name
_chem_comp.formula
ACE non-polymer 'ACETYL GROUP' 'C2 H4 O'
AR7 peptide-like amino{[(4S)-4-amino-5,5-dihydroxypentyl]amino}methaniminium 'C6 H17 N4 O2 1'
SO4 non-polymer 'SULFATE ION' 'O4 S -2'
#
# COMPACT_ATOMS: atom_id res chain seq x y z
N ASP A 3 -9.76 8.17 6.38
CA ASP A 3 -9.56 8.80 5.04
C ASP A 3 -8.71 10.05 5.19
N LEU A 4 -7.97 10.40 4.14
CA LEU A 4 -7.08 11.55 4.16
C LEU A 4 -7.74 12.92 4.07
N PRO A 5 -7.34 13.86 4.93
CA PRO A 5 -7.92 15.20 4.88
C PRO A 5 -7.56 15.82 3.54
N PRO A 6 -8.42 16.69 3.01
CA PRO A 6 -8.13 17.31 1.72
C PRO A 6 -7.02 18.35 1.75
N SER A 7 -6.67 18.79 2.95
CA SER A 7 -5.64 19.81 3.10
C SER A 7 -4.93 19.65 4.44
N VAL A 8 -3.66 20.04 4.51
CA VAL A 8 -2.89 19.95 5.75
C VAL A 8 -1.84 21.07 5.81
N ASP A 9 -1.74 21.72 6.95
CA ASP A 9 -0.78 22.80 7.13
C ASP A 9 -0.32 22.85 8.57
N TRP A 10 0.77 22.15 8.88
CA TRP A 10 1.28 22.12 10.24
C TRP A 10 1.71 23.48 10.77
N ARG A 11 1.88 24.45 9.88
CA ARG A 11 2.27 25.78 10.30
C ARG A 11 1.12 26.40 11.08
N GLN A 12 -0.10 26.21 10.57
CA GLN A 12 -1.31 26.73 11.20
C GLN A 12 -1.59 26.04 12.53
N LYS A 13 -1.06 24.83 12.71
CA LYS A 13 -1.30 24.11 13.95
C LYS A 13 -0.20 24.33 14.98
N GLY A 14 0.66 25.31 14.73
CA GLY A 14 1.73 25.62 15.66
C GLY A 14 2.77 24.55 15.84
N ALA A 15 3.06 23.80 14.79
CA ALA A 15 4.06 22.75 14.87
C ALA A 15 5.26 23.04 13.99
N VAL A 16 5.36 24.28 13.48
CA VAL A 16 6.47 24.65 12.61
C VAL A 16 7.11 25.96 13.04
N THR A 17 8.42 25.94 13.27
CA THR A 17 9.12 27.15 13.68
C THR A 17 9.36 28.06 12.48
N GLY A 18 10.08 29.15 12.71
CA GLY A 18 10.35 30.07 11.62
C GLY A 18 11.34 29.53 10.60
N VAL A 19 11.35 30.16 9.43
CA VAL A 19 12.24 29.78 8.34
C VAL A 19 13.67 30.22 8.63
N LYS A 20 14.64 29.34 8.41
CA LYS A 20 16.04 29.69 8.63
C LYS A 20 16.83 29.76 7.34
N ASP A 21 18.07 30.21 7.46
CA ASP A 21 18.99 30.31 6.33
C ASP A 21 20.23 29.52 6.72
N GLN A 22 20.48 28.42 6.02
CA GLN A 22 21.63 27.58 6.31
C GLN A 22 22.94 28.26 5.89
N GLY A 23 22.83 29.25 5.03
CA GLY A 23 24.02 29.95 4.57
C GLY A 23 24.86 29.08 3.65
N LYS A 24 26.16 29.35 3.63
CA LYS A 24 27.10 28.63 2.77
C LYS A 24 27.33 27.17 3.16
N CYS A 25 27.04 26.84 4.40
CA CYS A 25 27.24 25.48 4.90
C CYS A 25 26.25 24.49 4.24
N GLY A 26 26.78 23.39 3.72
CA GLY A 26 25.92 22.39 3.10
C GLY A 26 25.26 21.54 4.16
N SER A 27 24.54 22.21 5.07
CA SER A 27 23.86 21.54 6.19
C SER A 27 22.35 21.37 6.02
N CYS A 28 21.88 21.33 4.78
CA CYS A 28 20.46 21.16 4.50
C CYS A 28 19.90 19.93 5.22
N TRP A 29 20.68 18.86 5.25
CA TRP A 29 20.25 17.61 5.91
C TRP A 29 19.94 17.84 7.39
N ALA A 30 20.72 18.71 8.04
CA ALA A 30 20.50 18.99 9.45
C ALA A 30 19.25 19.82 9.63
N PHE A 31 19.02 20.80 8.76
CA PHE A 31 17.83 21.63 8.85
C PHE A 31 16.56 20.81 8.59
N SER A 32 16.61 19.93 7.59
CA SER A 32 15.46 19.09 7.27
C SER A 32 15.10 18.23 8.47
N THR A 33 16.12 17.62 9.06
CA THR A 33 15.95 16.77 10.23
C THR A 33 15.28 17.54 11.37
N VAL A 34 15.79 18.73 11.64
CA VAL A 34 15.24 19.56 12.71
C VAL A 34 13.77 19.95 12.50
N VAL A 35 13.39 20.27 11.26
CA VAL A 35 11.99 20.62 11.00
C VAL A 35 11.10 19.47 11.45
N SER A 36 11.45 18.26 11.04
CA SER A 36 10.67 17.07 11.39
C SER A 36 10.66 16.78 12.89
N VAL A 37 11.79 16.95 13.56
CA VAL A 37 11.84 16.69 14.99
C VAL A 37 11.10 17.78 15.77
N GLU A 38 11.25 19.04 15.34
CA GLU A 38 10.54 20.13 16.00
C GLU A 38 9.05 19.86 15.84
N GLY A 39 8.67 19.35 14.68
CA GLY A 39 7.29 19.07 14.39
C GLY A 39 6.63 17.99 15.24
N ILE A 40 7.25 16.82 15.30
CA ILE A 40 6.66 15.73 16.08
C ILE A 40 6.69 16.04 17.57
N ASN A 41 7.65 16.85 18.01
CA ASN A 41 7.72 17.18 19.43
C ASN A 41 6.57 18.11 19.79
N ALA A 42 6.24 19.01 18.87
CA ALA A 42 5.16 19.96 19.10
C ALA A 42 3.84 19.21 19.10
N ILE A 43 3.70 18.27 18.16
CA ILE A 43 2.48 17.49 18.05
C ILE A 43 2.25 16.59 19.26
N ARG A 44 3.32 16.01 19.79
CA ARG A 44 3.22 15.12 20.94
C ARG A 44 3.14 15.80 22.30
N THR A 45 3.73 16.99 22.41
CA THR A 45 3.75 17.70 23.68
C THR A 45 2.95 19.00 23.70
N GLY A 46 2.70 19.56 22.53
CA GLY A 46 1.96 20.81 22.45
C GLY A 46 2.87 22.02 22.63
N SER A 47 4.16 21.75 22.79
CA SER A 47 5.16 22.80 22.98
C SER A 47 6.09 22.91 21.77
N LEU A 48 6.08 24.05 21.10
CA LEU A 48 6.94 24.24 19.93
C LEU A 48 8.31 24.78 20.36
N VAL A 49 9.34 23.95 20.19
CA VAL A 49 10.69 24.33 20.58
C VAL A 49 11.66 24.30 19.40
N SER A 50 12.48 25.35 19.29
CA SER A 50 13.46 25.43 18.23
C SER A 50 14.67 24.59 18.62
N LEU A 51 15.06 23.66 17.74
CA LEU A 51 16.17 22.77 18.03
C LEU A 51 17.48 23.14 17.33
N SER A 52 18.57 22.51 17.77
CA SER A 52 19.90 22.80 17.26
C SER A 52 20.43 22.02 16.06
N GLU A 53 20.43 22.66 14.90
CA GLU A 53 20.97 22.02 13.71
C GLU A 53 22.50 21.94 13.90
N GLN A 54 23.05 22.85 14.69
CA GLN A 54 24.49 22.88 14.92
C GLN A 54 24.97 21.61 15.63
N GLU A 55 24.17 21.08 16.54
CA GLU A 55 24.58 19.86 17.24
C GLU A 55 24.75 18.73 16.25
N LEU A 56 23.85 18.63 15.29
CA LEU A 56 23.94 17.57 14.29
C LEU A 56 25.22 17.73 13.48
N ILE A 57 25.50 18.97 13.09
CA ILE A 57 26.68 19.25 12.29
C ILE A 57 27.99 18.89 13.02
N ASP A 58 28.09 19.27 14.29
CA ASP A 58 29.30 19.00 15.06
C ASP A 58 29.41 17.59 15.64
N CYS A 59 28.28 17.05 16.09
CA CYS A 59 28.26 15.75 16.75
C CYS A 59 27.86 14.52 15.95
N ASP A 60 27.00 14.67 14.94
CA ASP A 60 26.60 13.53 14.14
C ASP A 60 27.60 13.38 13.00
N THR A 61 28.73 12.76 13.33
CA THR A 61 29.84 12.61 12.40
C THR A 61 30.20 11.20 11.95
N ALA A 62 29.46 10.19 12.41
CA ALA A 62 29.74 8.81 12.03
C ALA A 62 29.65 8.59 10.52
N ASP A 63 28.58 9.08 9.92
CA ASP A 63 28.38 8.93 8.48
C ASP A 63 28.11 10.26 7.81
N ASN A 64 27.47 11.18 8.53
CA ASN A 64 27.20 12.49 7.98
C ASN A 64 28.50 13.29 8.01
N ASP A 65 28.64 14.25 7.11
CA ASP A 65 29.88 15.01 7.02
C ASP A 65 29.75 16.53 7.14
N GLY A 66 29.17 16.98 8.25
CA GLY A 66 29.00 18.42 8.48
C GLY A 66 28.55 19.27 7.32
N CYS A 67 29.31 20.34 7.07
CA CYS A 67 29.02 21.30 5.99
C CYS A 67 29.18 20.74 4.60
N GLN A 68 29.76 19.54 4.51
CA GLN A 68 29.97 18.90 3.21
C GLN A 68 28.81 18.00 2.81
N GLY A 69 27.82 17.86 3.68
CA GLY A 69 26.67 17.03 3.34
C GLY A 69 26.30 15.99 4.38
N GLY A 70 25.13 15.37 4.19
CA GLY A 70 24.66 14.37 5.12
C GLY A 70 23.30 13.80 4.71
N LEU A 71 22.74 12.97 5.58
CA LEU A 71 21.45 12.34 5.33
C LEU A 71 20.56 12.47 6.57
N MET A 72 19.28 12.78 6.35
CA MET A 72 18.36 12.92 7.46
C MET A 72 18.16 11.63 8.23
N ASP A 73 18.11 10.49 7.56
CA ASP A 73 17.91 9.25 8.29
C ASP A 73 19.10 8.94 9.19
N ASN A 74 20.30 9.32 8.77
CA ASN A 74 21.48 9.11 9.62
C ASN A 74 21.37 10.01 10.85
N ALA A 75 20.81 11.21 10.67
CA ALA A 75 20.63 12.18 11.75
C ALA A 75 19.59 11.69 12.77
N PHE A 76 18.50 11.12 12.28
CA PHE A 76 17.47 10.61 13.18
C PHE A 76 18.08 9.53 14.08
N GLU A 77 18.92 8.70 13.50
CA GLU A 77 19.58 7.62 14.23
C GLU A 77 20.45 8.24 15.34
N TYR A 78 21.16 9.32 15.00
CA TYR A 78 22.01 9.98 15.98
C TYR A 78 21.20 10.50 17.15
N ILE A 79 20.09 11.16 16.84
CA ILE A 79 19.23 11.72 17.87
C ILE A 79 18.68 10.62 18.76
N LYS A 80 18.29 9.50 18.15
CA LYS A 80 17.76 8.38 18.89
C LYS A 80 18.77 7.81 19.87
N ASN A 81 20.00 7.62 19.39
CA ASN A 81 21.04 7.02 20.21
C ASN A 81 21.90 7.95 21.05
N ASN A 82 21.74 9.26 20.93
CA ASN A 82 22.56 10.15 21.73
C ASN A 82 21.82 11.10 22.66
N GLY A 83 20.72 10.62 23.23
CA GLY A 83 19.97 11.42 24.17
C GLY A 83 19.19 12.61 23.66
N GLY A 84 18.69 12.52 22.44
CA GLY A 84 17.88 13.60 21.88
C GLY A 84 18.63 14.74 21.22
N LEU A 85 17.92 15.83 20.97
CA LEU A 85 18.51 17.01 20.34
C LEU A 85 18.38 18.19 21.29
N ILE A 86 19.45 18.97 21.44
CA ILE A 86 19.44 20.12 22.33
C ILE A 86 18.74 21.31 21.63
N THR A 87 18.36 22.32 22.41
CA THR A 87 17.68 23.48 21.84
C THR A 87 18.64 24.41 21.10
N GLU A 88 18.08 25.20 20.18
CA GLU A 88 18.84 26.16 19.40
C GLU A 88 19.57 27.13 20.33
N ALA A 89 18.83 27.67 21.29
CA ALA A 89 19.40 28.62 22.24
C ALA A 89 20.63 28.09 22.94
N ALA A 90 20.60 26.82 23.31
CA ALA A 90 21.73 26.20 23.99
C ALA A 90 22.93 25.97 23.08
N TYR A 91 22.68 25.75 21.80
CA TYR A 91 23.75 25.45 20.85
C TYR A 91 23.40 26.07 19.49
N PRO A 92 23.49 27.41 19.40
CA PRO A 92 23.19 28.20 18.19
C PRO A 92 23.97 27.87 16.92
N TYR A 93 23.31 28.08 15.78
CA TYR A 93 23.89 27.81 14.48
C TYR A 93 25.06 28.73 14.13
N ARG A 94 26.16 28.14 13.68
CA ARG A 94 27.36 28.89 13.31
C ARG A 94 27.66 28.80 11.80
N ALA A 95 26.93 27.95 11.09
CA ALA A 95 27.13 27.78 9.66
C ALA A 95 28.53 27.28 9.34
N ALA A 96 29.13 26.55 10.27
CA ALA A 96 30.45 25.98 10.09
C ALA A 96 30.60 24.90 11.14
N ARG A 97 31.34 23.85 10.81
CA ARG A 97 31.51 22.75 11.75
C ARG A 97 32.59 23.04 12.79
N GLY A 98 32.27 22.74 14.04
CA GLY A 98 33.21 22.93 15.14
C GLY A 98 33.21 21.72 16.06
N THR A 99 34.00 21.78 17.13
CA THR A 99 34.09 20.67 18.08
C THR A 99 32.73 20.41 18.74
N CYS A 100 32.38 19.14 18.91
CA CYS A 100 31.11 18.79 19.54
C CYS A 100 31.17 19.17 21.02
N ASN A 101 30.45 20.22 21.40
CA ASN A 101 30.43 20.67 22.79
C ASN A 101 29.03 20.74 23.40
N VAL A 102 28.16 19.80 23.03
CA VAL A 102 26.82 19.83 23.59
C VAL A 102 26.80 19.46 25.06
N ALA A 103 27.77 18.65 25.49
CA ALA A 103 27.86 18.23 26.89
C ALA A 103 27.98 19.42 27.84
N ARG A 104 28.97 20.28 27.62
CA ARG A 104 29.12 21.43 28.51
C ARG A 104 28.01 22.43 28.24
N ALA A 105 27.53 22.46 26.99
CA ALA A 105 26.46 23.38 26.63
C ALA A 105 25.20 23.05 27.42
N ALA A 106 24.98 21.75 27.66
CA ALA A 106 23.82 21.28 28.40
C ALA A 106 23.95 21.52 29.90
N GLN A 107 25.17 21.88 30.32
CA GLN A 107 25.44 22.14 31.73
C GLN A 107 24.52 23.25 32.20
N ASN A 108 24.52 24.35 31.45
CA ASN A 108 23.68 25.50 31.79
C ASN A 108 22.36 25.54 31.02
N SER A 109 22.25 24.74 29.96
CA SER A 109 21.02 24.64 29.16
C SER A 109 20.75 23.17 28.86
N PRO A 110 19.97 22.49 29.73
CA PRO A 110 19.61 21.08 29.64
C PRO A 110 18.44 20.61 28.77
N VAL A 111 17.62 21.52 28.27
CA VAL A 111 16.46 21.12 27.46
C VAL A 111 16.77 20.37 26.17
N VAL A 112 16.20 19.18 26.02
CA VAL A 112 16.40 18.38 24.82
C VAL A 112 15.11 17.67 24.41
N VAL A 113 15.06 17.25 23.15
CA VAL A 113 13.90 16.55 22.60
C VAL A 113 14.33 15.15 22.18
N HIS A 114 13.63 14.12 22.67
CA HIS A 114 13.94 12.72 22.36
C HIS A 114 13.01 12.15 21.29
N ILE A 115 13.48 11.14 20.57
CA ILE A 115 12.67 10.46 19.56
C ILE A 115 12.95 8.98 19.73
N ASP A 116 11.97 8.14 19.39
CA ASP A 116 12.14 6.69 19.53
C ASP A 116 12.87 6.10 18.34
N GLY A 117 12.89 6.84 17.24
CA GLY A 117 13.56 6.38 16.03
C GLY A 117 12.94 7.06 14.83
N HIS A 118 12.98 6.41 13.68
CA HIS A 118 12.41 6.99 12.47
C HIS A 118 11.85 5.93 11.52
N GLN A 119 11.04 6.37 10.59
CA GLN A 119 10.41 5.49 9.61
C GLN A 119 10.58 6.06 8.20
N ASP A 120 10.91 5.20 7.25
CA ASP A 120 11.07 5.64 5.87
C ASP A 120 9.76 5.51 5.14
N VAL A 121 9.43 6.49 4.30
CA VAL A 121 8.22 6.43 3.51
C VAL A 121 8.59 5.52 2.35
N PRO A 122 7.76 4.53 2.02
CA PRO A 122 8.08 3.63 0.91
C PRO A 122 8.55 4.42 -0.32
N ALA A 123 9.70 4.04 -0.86
CA ALA A 123 10.30 4.71 -2.01
C ALA A 123 9.34 5.04 -3.16
N ASN A 124 9.38 6.30 -3.59
CA ASN A 124 8.56 6.80 -4.69
C ASN A 124 7.06 6.85 -4.49
N SER A 125 6.58 6.67 -3.26
CA SER A 125 5.14 6.70 -3.06
C SER A 125 4.58 8.03 -2.55
N GLU A 126 4.09 8.87 -3.47
CA GLU A 126 3.50 10.16 -3.08
C GLU A 126 2.27 9.88 -2.24
N GLU A 127 1.66 8.73 -2.46
CA GLU A 127 0.47 8.41 -1.67
C GLU A 127 0.85 8.15 -0.25
N ASP A 128 1.91 7.37 -0.03
CA ASP A 128 2.34 7.11 1.34
C ASP A 128 2.88 8.40 1.96
N LEU A 129 3.49 9.26 1.14
CA LEU A 129 4.02 10.52 1.64
C LEU A 129 2.86 11.38 2.15
N ALA A 130 1.76 11.38 1.40
CA ALA A 130 0.59 12.17 1.78
C ALA A 130 0.06 11.76 3.15
N ARG A 131 -0.05 10.46 3.42
CA ARG A 131 -0.57 10.09 4.72
C ARG A 131 0.42 10.28 5.84
N ALA A 132 1.72 10.30 5.52
CA ALA A 132 2.72 10.55 6.54
C ALA A 132 2.60 12.02 6.90
N VAL A 133 2.47 12.87 5.88
CA VAL A 133 2.34 14.31 6.08
C VAL A 133 1.08 14.67 6.86
N ALA A 134 0.01 13.92 6.63
CA ALA A 134 -1.24 14.17 7.33
C ALA A 134 -1.05 13.99 8.84
N ASN A 135 -0.04 13.23 9.23
CA ASN A 135 0.23 13.00 10.65
C ASN A 135 1.35 13.86 11.22
N GLN A 136 2.28 14.31 10.39
CA GLN A 136 3.39 15.12 10.87
C GLN A 136 4.29 15.61 9.74
N PRO A 137 5.13 16.62 10.01
CA PRO A 137 6.02 17.11 8.95
C PRO A 137 6.95 15.95 8.56
N VAL A 138 7.36 15.91 7.29
CA VAL A 138 8.21 14.81 6.81
C VAL A 138 9.45 15.34 6.11
N SER A 139 10.59 14.72 6.39
CA SER A 139 11.86 15.11 5.76
C SER A 139 11.96 14.46 4.38
N VAL A 140 12.36 15.25 3.39
CA VAL A 140 12.46 14.73 2.04
C VAL A 140 13.70 15.27 1.33
N ALA A 141 14.09 14.58 0.27
CA ALA A 141 15.23 14.97 -0.54
C ALA A 141 14.70 15.38 -1.90
N VAL A 142 15.26 16.43 -2.48
CA VAL A 142 14.84 16.87 -3.79
C VAL A 142 16.04 17.37 -4.57
N GLU A 143 15.82 17.62 -5.86
CA GLU A 143 16.86 18.17 -6.73
C GLU A 143 16.56 19.66 -6.69
N ALA A 144 17.44 20.44 -6.07
CA ALA A 144 17.21 21.87 -5.96
C ALA A 144 18.22 22.71 -6.74
N SER A 145 19.12 22.05 -7.45
CA SER A 145 20.16 22.74 -8.20
C SER A 145 19.72 23.29 -9.55
N GLY A 146 18.53 22.89 -10.01
CA GLY A 146 18.05 23.37 -11.30
C GLY A 146 17.69 24.84 -11.28
N LYS A 147 17.83 25.51 -12.42
CA LYS A 147 17.51 26.92 -12.55
C LYS A 147 16.08 27.24 -12.10
N ALA A 148 15.12 26.46 -12.60
CA ALA A 148 13.72 26.68 -12.27
C ALA A 148 13.45 26.67 -10.77
N PHE A 149 13.94 25.64 -10.08
CA PHE A 149 13.75 25.55 -8.64
C PHE A 149 14.48 26.68 -7.94
N MET A 150 15.75 26.86 -8.27
CA MET A 150 16.57 27.91 -7.66
C MET A 150 15.96 29.30 -7.70
N PHE A 151 15.32 29.65 -8.81
CA PHE A 151 14.74 30.99 -8.92
C PHE A 151 13.22 31.04 -8.73
N TYR A 152 12.65 29.98 -8.16
CA TYR A 152 11.21 29.95 -7.90
C TYR A 152 10.88 31.12 -6.99
N SER A 153 9.72 31.76 -7.20
CA SER A 153 9.34 32.88 -6.35
C SER A 153 7.92 32.75 -5.81
N GLU A 154 7.00 32.23 -6.62
CA GLU A 154 5.62 32.08 -6.17
C GLU A 154 4.80 31.11 -7.01
N GLY A 155 3.68 30.66 -6.46
CA GLY A 155 2.78 29.74 -7.15
C GLY A 155 3.12 28.29 -6.92
N VAL A 156 2.44 27.39 -7.63
CA VAL A 156 2.70 25.97 -7.51
C VAL A 156 3.79 25.61 -8.52
N PHE A 157 4.97 25.26 -8.01
CA PHE A 157 6.10 24.89 -8.86
C PHE A 157 5.77 23.61 -9.63
N THR A 158 5.72 23.71 -10.95
CA THR A 158 5.41 22.57 -11.82
C THR A 158 6.65 21.94 -12.47
N GLY A 159 7.80 22.59 -12.32
CA GLY A 159 9.04 22.10 -12.92
C GLY A 159 9.71 23.29 -13.55
N GLU A 160 10.81 23.16 -14.32
CA GLU A 160 11.50 21.91 -14.71
C GLU A 160 12.57 21.45 -13.72
N CYS A 161 12.60 20.16 -13.42
CA CYS A 161 13.60 19.59 -12.52
C CYS A 161 13.69 18.09 -12.68
N GLY A 162 14.89 17.55 -12.47
CA GLY A 162 15.08 16.11 -12.59
C GLY A 162 15.06 15.45 -11.22
N THR A 163 15.87 14.40 -11.08
CA THR A 163 15.95 13.65 -9.84
C THR A 163 17.36 13.47 -9.31
N GLU A 164 18.22 14.45 -9.59
CA GLU A 164 19.59 14.39 -9.07
C GLU A 164 19.51 14.99 -7.67
N LEU A 165 19.04 14.18 -6.73
CA LEU A 165 18.86 14.60 -5.34
C LEU A 165 20.14 15.19 -4.75
N ASP A 166 20.03 16.41 -4.24
CA ASP A 166 21.19 17.09 -3.67
C ASP A 166 20.82 18.02 -2.52
N HIS A 167 19.54 18.06 -2.17
CA HIS A 167 19.09 18.98 -1.15
C HIS A 167 18.02 18.39 -0.25
N GLY A 168 18.22 18.52 1.06
CA GLY A 168 17.25 18.00 2.00
C GLY A 168 16.38 19.12 2.54
N VAL A 169 15.06 18.92 2.48
CA VAL A 169 14.10 19.90 2.98
C VAL A 169 12.99 19.15 3.73
N ALA A 170 11.91 19.83 4.04
CA ALA A 170 10.82 19.17 4.76
C ALA A 170 9.45 19.61 4.28
N VAL A 171 8.52 18.66 4.23
CA VAL A 171 7.15 18.95 3.81
C VAL A 171 6.33 19.13 5.07
N VAL A 172 5.73 20.31 5.24
CA VAL A 172 4.93 20.59 6.42
C VAL A 172 3.43 20.61 6.11
N GLY A 173 3.05 20.18 4.92
CA GLY A 173 1.63 20.15 4.56
C GLY A 173 1.38 19.96 3.09
N TYR A 174 0.10 20.01 2.70
CA TYR A 174 -0.28 19.86 1.31
C TYR A 174 -1.68 20.42 1.09
N GLY A 175 -1.99 20.76 -0.15
CA GLY A 175 -3.30 21.30 -0.47
C GLY A 175 -3.54 21.36 -1.96
N VAL A 176 -4.53 22.16 -2.35
CA VAL A 176 -4.87 22.30 -3.76
C VAL A 176 -4.99 23.79 -4.07
N ALA A 177 -4.26 24.25 -5.09
CA ALA A 177 -4.31 25.66 -5.47
C ALA A 177 -5.69 25.99 -6.01
N GLU A 178 -5.98 27.28 -6.19
CA GLU A 178 -7.31 27.64 -6.69
C GLU A 178 -7.54 27.13 -8.11
N ASP A 179 -6.48 26.95 -8.88
CA ASP A 179 -6.64 26.45 -10.24
C ASP A 179 -6.76 24.93 -10.26
N GLY A 180 -6.91 24.32 -9.09
CA GLY A 180 -7.06 22.89 -9.00
C GLY A 180 -5.81 22.04 -8.94
N LYS A 181 -4.64 22.68 -8.91
CA LYS A 181 -3.36 21.96 -8.85
C LYS A 181 -2.95 21.56 -7.43
N ALA A 182 -2.74 20.28 -7.20
CA ALA A 182 -2.31 19.79 -5.88
C ALA A 182 -0.85 20.19 -5.65
N TYR A 183 -0.46 20.35 -4.39
CA TYR A 183 0.91 20.75 -4.09
C TYR A 183 1.36 20.33 -2.70
N TRP A 184 2.68 20.29 -2.52
CA TRP A 184 3.28 19.95 -1.23
C TRP A 184 3.83 21.27 -0.69
N THR A 185 3.62 21.53 0.60
CA THR A 185 4.15 22.76 1.18
C THR A 185 5.51 22.40 1.75
N VAL A 186 6.55 22.89 1.08
CA VAL A 186 7.92 22.60 1.47
C VAL A 186 8.63 23.76 2.15
N LYS A 187 9.16 23.50 3.34
CA LYS A 187 9.90 24.50 4.09
C LYS A 187 11.36 24.39 3.65
N ASN A 188 11.89 25.45 3.04
CA ASN A 188 13.27 25.43 2.59
C ASN A 188 14.12 26.13 3.66
N SER A 189 15.43 26.04 3.51
CA SER A 189 16.34 26.66 4.47
C SER A 189 17.26 27.68 3.80
N TRP A 190 16.70 28.45 2.89
CA TRP A 190 17.46 29.47 2.19
C TRP A 190 17.03 30.86 2.63
N GLY A 191 16.50 30.96 3.84
CA GLY A 191 16.05 32.24 4.35
C GLY A 191 14.62 32.53 3.94
N PRO A 192 13.94 33.45 4.65
CA PRO A 192 12.55 33.84 4.38
C PRO A 192 12.30 34.69 3.13
N SER A 193 13.34 35.23 2.52
CA SER A 193 13.14 36.05 1.33
C SER A 193 13.05 35.20 0.04
N TRP A 194 13.38 33.92 0.16
CA TRP A 194 13.32 33.03 -1.00
C TRP A 194 11.93 32.42 -1.13
N GLY A 195 11.45 32.33 -2.37
CA GLY A 195 10.13 31.74 -2.61
C GLY A 195 9.01 32.44 -1.87
N GLU A 196 8.03 31.67 -1.41
CA GLU A 196 6.91 32.25 -0.68
C GLU A 196 7.24 32.27 0.81
N GLN A 197 7.92 33.34 1.23
CA GLN A 197 8.35 33.52 2.62
C GLN A 197 9.20 32.36 3.09
N GLY A 198 10.04 31.85 2.21
CA GLY A 198 10.92 30.74 2.56
C GLY A 198 10.37 29.39 2.17
N TYR A 199 9.13 29.35 1.70
CA TYR A 199 8.48 28.12 1.29
C TYR A 199 8.28 27.99 -0.22
N ILE A 200 8.14 26.76 -0.69
CA ILE A 200 7.87 26.51 -2.09
C ILE A 200 6.79 25.44 -2.14
N ARG A 201 5.78 25.68 -2.96
CA ARG A 201 4.70 24.72 -3.11
C ARG A 201 5.04 23.89 -4.35
N VAL A 202 5.43 22.64 -4.13
CA VAL A 202 5.81 21.72 -5.20
C VAL A 202 4.60 20.92 -5.64
N GLU A 203 4.33 20.90 -6.94
CA GLU A 203 3.18 20.17 -7.45
C GLU A 203 3.15 18.74 -6.90
N LYS A 204 2.00 18.35 -6.36
CA LYS A 204 1.80 17.03 -5.79
C LYS A 204 1.04 16.13 -6.76
N ASP A 205 1.32 14.84 -6.70
CA ASP A 205 0.68 13.86 -7.57
C ASP A 205 0.82 14.23 -9.04
N SER A 206 2.00 14.73 -9.42
CA SER A 206 2.24 15.08 -10.81
C SER A 206 2.43 13.78 -11.56
N GLY A 207 2.85 13.84 -12.81
CA GLY A 207 3.05 12.62 -13.57
C GLY A 207 4.33 11.86 -13.19
N ALA A 208 5.30 12.56 -12.62
CA ALA A 208 6.58 11.98 -12.22
C ALA A 208 6.48 10.85 -11.19
N SER A 209 6.87 9.65 -11.59
CA SER A 209 6.82 8.46 -10.75
C SER A 209 7.28 8.62 -9.30
N GLY A 210 8.40 9.29 -9.07
CA GLY A 210 8.89 9.45 -7.71
C GLY A 210 8.59 10.83 -7.14
N GLY A 211 7.64 11.53 -7.77
CA GLY A 211 7.27 12.85 -7.32
C GLY A 211 8.10 13.92 -8.01
N LEU A 212 7.55 15.11 -8.15
CA LEU A 212 8.28 16.20 -8.79
C LEU A 212 9.58 16.45 -8.03
N CYS A 213 10.68 16.60 -8.76
CA CYS A 213 11.99 16.84 -8.15
C CYS A 213 12.44 15.67 -7.29
N GLY A 214 11.77 14.53 -7.43
CA GLY A 214 12.10 13.34 -6.67
C GLY A 214 11.73 13.44 -5.19
N ILE A 215 10.77 14.32 -4.90
CA ILE A 215 10.33 14.56 -3.53
C ILE A 215 9.86 13.34 -2.73
N ALA A 216 9.38 12.31 -3.41
CA ALA A 216 8.92 11.10 -2.71
C ALA A 216 9.91 9.94 -2.80
N MET A 217 11.12 10.22 -3.29
CA MET A 217 12.12 9.16 -3.44
C MET A 217 12.85 8.73 -2.18
N GLU A 218 13.13 9.69 -1.29
CA GLU A 218 13.83 9.37 -0.04
C GLU A 218 13.26 10.15 1.13
N ALA A 219 12.00 9.92 1.44
CA ALA A 219 11.34 10.62 2.55
C ALA A 219 11.36 9.78 3.81
N SER A 220 11.48 10.44 4.95
CA SER A 220 11.50 9.75 6.24
C SER A 220 11.01 10.72 7.32
N TYR A 221 10.56 10.16 8.44
CA TYR A 221 10.06 10.97 9.55
C TYR A 221 10.36 10.29 10.88
N PRO A 222 10.48 11.09 11.95
CA PRO A 222 10.78 10.56 13.29
C PRO A 222 9.55 10.01 14.02
N VAL A 223 9.79 9.06 14.92
CA VAL A 223 8.73 8.46 15.71
C VAL A 223 8.93 8.87 17.17
N LYS A 224 7.86 9.31 17.81
CA LYS A 224 7.93 9.75 19.22
C LYS A 224 6.61 9.44 19.92
N THR A 225 6.65 8.82 21.09
CA THR A 225 5.40 8.48 21.78
C THR A 225 5.29 8.75 23.29
N TYR A 226 6.30 8.32 24.04
CA TYR A 226 6.37 8.45 25.51
C TYR A 226 6.00 7.15 26.22
N ASP B 3 11.87 20.67 48.71
CA ASP B 3 11.86 22.00 48.04
C ASP B 3 11.27 21.89 46.63
N LEU B 4 10.67 22.99 46.16
CA LEU B 4 10.04 23.03 44.84
C LEU B 4 11.05 23.17 43.71
N PRO B 5 10.85 22.42 42.60
CA PRO B 5 11.79 22.54 41.49
C PRO B 5 11.71 23.95 40.88
N PRO B 6 12.81 24.44 40.29
CA PRO B 6 12.82 25.79 39.70
C PRO B 6 11.95 25.92 38.45
N SER B 7 11.64 24.80 37.82
CA SER B 7 10.80 24.82 36.63
C SER B 7 9.99 23.54 36.50
N VAL B 8 8.86 23.63 35.82
CA VAL B 8 7.98 22.48 35.62
C VAL B 8 7.25 22.60 34.30
N ASP B 9 7.20 21.51 33.54
CA ASP B 9 6.49 21.52 32.26
C ASP B 9 5.94 20.14 31.98
N TRP B 10 4.71 19.90 32.39
CA TRP B 10 4.09 18.60 32.18
C TRP B 10 3.93 18.20 30.73
N ARG B 11 4.07 19.16 29.82
CA ARG B 11 3.97 18.85 28.40
C ARG B 11 5.17 17.99 28.00
N GLN B 12 6.34 18.36 28.51
CA GLN B 12 7.57 17.63 28.22
C GLN B 12 7.59 16.24 28.86
N LYS B 13 6.76 16.04 29.89
CA LYS B 13 6.71 14.75 30.55
C LYS B 13 5.61 13.85 30.00
N GLY B 14 5.03 14.26 28.88
CA GLY B 14 3.99 13.47 28.25
C GLY B 14 2.70 13.33 29.02
N ALA B 15 2.34 14.36 29.79
CA ALA B 15 1.11 14.32 30.56
C ALA B 15 0.10 15.33 30.08
N VAL B 16 0.35 15.92 28.90
CA VAL B 16 -0.55 16.93 28.36
C VAL B 16 -0.89 16.65 26.89
N THR B 17 -2.19 16.57 26.58
CA THR B 17 -2.61 16.31 25.22
C THR B 17 -2.52 17.58 24.40
N GLY B 18 -2.97 17.51 23.15
CA GLY B 18 -2.92 18.67 22.28
C GLY B 18 -3.90 19.77 22.65
N VAL B 19 -3.64 20.97 22.14
CA VAL B 19 -4.51 22.12 22.39
C VAL B 19 -5.80 21.97 21.60
N LYS B 20 -6.92 22.29 22.26
CA LYS B 20 -8.23 22.18 21.65
C LYS B 20 -8.85 23.57 21.43
N ASP B 21 -9.97 23.58 20.72
CA ASP B 21 -10.71 24.81 20.46
C ASP B 21 -12.14 24.53 20.89
N GLN B 22 -12.58 25.17 21.96
CA GLN B 22 -13.93 24.96 22.47
C GLN B 22 -14.99 25.54 21.56
N GLY B 23 -14.58 26.44 20.67
CA GLY B 23 -15.52 27.07 19.77
C GLY B 23 -16.44 28.04 20.49
N LYS B 24 -17.64 28.22 19.95
CA LYS B 24 -18.60 29.16 20.52
C LYS B 24 -19.25 28.72 21.82
N CYS B 25 -19.15 27.43 22.13
CA CYS B 25 -19.73 26.87 23.34
C CYS B 25 -18.94 27.36 24.57
N GLY B 26 -19.66 27.87 25.58
CA GLY B 26 -19.01 28.34 26.79
C GLY B 26 -18.67 27.16 27.69
N SER B 27 -17.91 26.22 27.14
CA SER B 27 -17.50 25.01 27.85
C SER B 27 -16.07 25.01 28.38
N CYS B 28 -15.51 26.18 28.62
CA CYS B 28 -14.14 26.27 29.12
C CYS B 28 -13.97 25.44 30.40
N TRP B 29 -15.00 25.43 31.26
CA TRP B 29 -14.93 24.68 32.50
C TRP B 29 -14.71 23.20 32.25
N ALA B 30 -15.32 22.68 31.18
CA ALA B 30 -15.17 21.27 30.85
C ALA B 30 -13.77 20.99 30.30
N PHE B 31 -13.24 21.89 29.49
CA PHE B 31 -11.89 21.69 28.95
C PHE B 31 -10.84 21.79 30.05
N SER B 32 -11.02 22.73 30.98
CA SER B 32 -10.09 22.90 32.09
C SER B 32 -10.07 21.62 32.91
N THR B 33 -11.25 21.09 33.21
CA THR B 33 -11.39 19.86 33.98
C THR B 33 -10.65 18.71 33.30
N VAL B 34 -10.89 18.55 32.00
CA VAL B 34 -10.25 17.49 31.24
C VAL B 34 -8.72 17.58 31.24
N VAL B 35 -8.17 18.78 31.11
CA VAL B 35 -6.71 18.90 31.11
C VAL B 35 -6.17 18.29 32.41
N SER B 36 -6.76 18.66 33.53
CA SER B 36 -6.32 18.16 34.83
C SER B 36 -6.50 16.67 35.00
N VAL B 37 -7.63 16.12 34.52
CA VAL B 37 -7.86 14.70 34.65
C VAL B 37 -6.95 13.92 33.70
N GLU B 38 -6.77 14.41 32.48
CA GLU B 38 -5.89 13.73 31.54
C GLU B 38 -4.49 13.71 32.15
N GLY B 39 -4.15 14.82 32.82
CA GLY B 39 -2.84 14.94 33.43
C GLY B 39 -2.53 13.96 34.55
N ILE B 40 -3.41 13.90 35.54
CA ILE B 40 -3.18 13.00 36.68
C ILE B 40 -3.28 11.54 36.26
N ASN B 41 -4.06 11.25 35.23
CA ASN B 41 -4.18 9.86 34.76
C ASN B 41 -2.89 9.44 34.08
N ALA B 42 -2.26 10.37 33.35
CA ALA B 42 -1.01 10.07 32.68
C ALA B 42 0.10 9.90 33.69
N ILE B 43 0.09 10.74 34.72
CA ILE B 43 1.10 10.69 35.77
C ILE B 43 1.01 9.40 36.59
N ARG B 44 -0.23 8.97 36.85
CA ARG B 44 -0.46 7.77 37.66
C ARG B 44 -0.34 6.45 36.89
N THR B 45 -0.66 6.47 35.59
CA THR B 45 -0.61 5.24 34.82
C THR B 45 0.46 5.22 33.73
N GLY B 46 0.97 6.38 33.36
CA GLY B 46 1.99 6.44 32.33
C GLY B 46 1.39 6.43 30.93
N SER B 47 0.06 6.42 30.87
CA SER B 47 -0.63 6.41 29.60
C SER B 47 -1.43 7.70 29.39
N LEU B 48 -1.08 8.46 28.36
CA LEU B 48 -1.78 9.72 28.06
C LEU B 48 -3.00 9.45 27.19
N VAL B 49 -4.18 9.67 27.75
CA VAL B 49 -5.45 9.44 27.06
C VAL B 49 -6.29 10.71 26.94
N SER B 50 -6.81 10.98 25.75
CA SER B 50 -7.64 12.15 25.54
C SER B 50 -9.04 11.85 26.05
N LEU B 51 -9.56 12.71 26.92
CA LEU B 51 -10.87 12.48 27.49
C LEU B 51 -11.98 13.34 26.90
N SER B 52 -13.22 12.99 27.23
CA SER B 52 -14.41 13.65 26.69
C SER B 52 -15.00 14.86 27.40
N GLU B 53 -14.75 16.05 26.86
CA GLU B 53 -15.32 17.26 27.42
C GLU B 53 -16.83 17.23 27.17
N GLN B 54 -17.22 16.56 26.09
CA GLN B 54 -18.62 16.48 25.71
C GLN B 54 -19.45 15.76 26.77
N GLU B 55 -18.88 14.73 27.39
CA GLU B 55 -19.62 14.01 28.43
C GLU B 55 -19.99 14.95 29.56
N LEU B 56 -19.05 15.80 29.95
CA LEU B 56 -19.30 16.73 31.04
C LEU B 56 -20.41 17.70 30.65
N ILE B 57 -20.34 18.20 29.42
CA ILE B 57 -21.34 19.14 28.93
C ILE B 57 -22.75 18.55 28.92
N ASP B 58 -22.89 17.32 28.40
CA ASP B 58 -24.21 16.68 28.32
C ASP B 58 -24.69 16.02 29.62
N CYS B 59 -23.78 15.41 30.37
CA CYS B 59 -24.14 14.69 31.59
C CYS B 59 -23.98 15.37 32.94
N ASP B 60 -23.00 16.27 33.07
CA ASP B 60 -22.81 16.96 34.34
C ASP B 60 -23.70 18.18 34.35
N THR B 61 -24.98 17.96 34.65
CA THR B 61 -25.97 19.03 34.62
C THR B 61 -26.63 19.41 35.94
N ALA B 62 -26.19 18.83 37.05
CA ALA B 62 -26.79 19.13 38.35
C ALA B 62 -26.62 20.60 38.70
N ASP B 63 -25.40 21.12 38.53
CA ASP B 63 -25.12 22.51 38.84
C ASP B 63 -24.46 23.22 37.67
N ASN B 64 -23.69 22.50 36.88
CA ASN B 64 -23.06 23.10 35.70
C ASN B 64 -24.14 23.25 34.63
N ASP B 65 -23.94 24.21 33.73
CA ASP B 65 -24.95 24.50 32.72
C ASP B 65 -24.47 24.43 31.26
N GLY B 66 -23.91 23.30 30.87
CA GLY B 66 -23.46 23.12 29.50
C GLY B 66 -22.70 24.27 28.85
N CYS B 67 -23.16 24.67 27.67
CA CYS B 67 -22.53 25.75 26.91
C CYS B 67 -22.72 27.11 27.51
N GLN B 68 -23.53 27.21 28.56
CA GLN B 68 -23.77 28.47 29.21
C GLN B 68 -22.83 28.70 30.40
N GLY B 69 -21.97 27.73 30.68
CA GLY B 69 -21.04 27.87 31.79
C GLY B 69 -21.01 26.74 32.80
N GLY B 70 -20.01 26.77 33.67
CA GLY B 70 -19.88 25.74 34.68
C GLY B 70 -18.69 25.98 35.58
N LEU B 71 -18.42 25.01 36.45
CA LEU B 71 -17.31 25.08 37.38
C LEU B 71 -16.54 23.77 37.37
N MET B 72 -15.21 23.87 37.38
CA MET B 72 -14.36 22.68 37.39
C MET B 72 -14.56 21.80 38.62
N ASP B 73 -14.73 22.40 39.80
CA ASP B 73 -14.90 21.58 40.98
C ASP B 73 -16.21 20.79 40.91
N ASN B 74 -17.26 21.35 40.31
CA ASN B 74 -18.51 20.61 40.17
C ASN B 74 -18.29 19.44 39.21
N ALA B 75 -17.43 19.65 38.21
CA ALA B 75 -17.14 18.61 37.23
C ALA B 75 -16.35 17.46 37.86
N PHE B 76 -15.38 17.78 38.71
CA PHE B 76 -14.59 16.74 39.36
C PHE B 76 -15.52 15.87 40.19
N GLU B 77 -16.49 16.49 40.84
CA GLU B 77 -17.44 15.77 41.67
C GLU B 77 -18.24 14.78 40.78
N TYR B 78 -18.64 15.25 39.60
CA TYR B 78 -19.40 14.41 38.69
C TYR B 78 -18.60 13.18 38.28
N ILE B 79 -17.35 13.41 37.91
CA ILE B 79 -16.46 12.34 37.50
C ILE B 79 -16.27 11.34 38.63
N LYS B 80 -16.11 11.85 39.85
CA LYS B 80 -15.92 10.99 41.01
C LYS B 80 -17.13 10.10 41.25
N ASN B 81 -18.30 10.70 41.19
CA ASN B 81 -19.55 9.98 41.46
C ASN B 81 -20.24 9.28 40.29
N ASN B 82 -19.75 9.44 39.07
CA ASN B 82 -20.42 8.79 37.95
C ASN B 82 -19.57 7.84 37.13
N GLY B 83 -18.68 7.12 37.79
CA GLY B 83 -17.85 6.15 37.10
C GLY B 83 -16.75 6.65 36.19
N GLY B 84 -16.18 7.81 36.49
CA GLY B 84 -15.09 8.32 35.67
C GLY B 84 -15.49 9.12 34.44
N LEU B 85 -14.51 9.37 33.57
CA LEU B 85 -14.73 10.13 32.35
C LEU B 85 -14.41 9.25 31.15
N ILE B 86 -15.27 9.25 30.15
CA ILE B 86 -15.05 8.43 28.96
C ILE B 86 -14.05 9.10 28.03
N THR B 87 -13.50 8.34 27.09
CA THR B 87 -12.52 8.89 26.15
C THR B 87 -13.15 9.79 25.09
N GLU B 88 -12.35 10.68 24.53
CA GLU B 88 -12.79 11.60 23.50
C GLU B 88 -13.34 10.81 22.31
N ALA B 89 -12.59 9.80 21.89
CA ALA B 89 -12.97 8.97 20.76
C ALA B 89 -14.36 8.38 20.92
N ALA B 90 -14.69 7.95 22.14
CA ALA B 90 -16.00 7.36 22.40
C ALA B 90 -17.12 8.37 22.46
N TYR B 91 -16.82 9.62 22.80
CA TYR B 91 -17.84 10.65 22.93
C TYR B 91 -17.23 11.99 22.52
N PRO B 92 -16.97 12.17 21.21
CA PRO B 92 -16.37 13.37 20.61
C PRO B 92 -17.08 14.70 20.84
N TYR B 93 -16.30 15.78 20.87
CA TYR B 93 -16.81 17.13 21.10
C TYR B 93 -17.68 17.65 19.96
N ARG B 94 -18.85 18.20 20.30
CA ARG B 94 -19.79 18.73 19.32
C ARG B 94 -19.95 20.24 19.46
N ALA B 95 -19.39 20.81 20.53
CA ALA B 95 -19.49 22.25 20.77
C ALA B 95 -20.94 22.71 20.95
N ALA B 96 -21.77 21.80 21.44
CA ALA B 96 -23.18 22.09 21.69
C ALA B 96 -23.69 21.02 22.63
N ARG B 97 -24.61 21.38 23.51
CA ARG B 97 -25.12 20.40 24.46
C ARG B 97 -26.20 19.54 23.83
N GLY B 98 -26.10 18.23 24.05
CA GLY B 98 -27.09 17.33 23.51
C GLY B 98 -27.60 16.48 24.64
N THR B 99 -28.33 15.42 24.31
CA THR B 99 -28.84 14.54 25.35
C THR B 99 -27.66 13.73 25.88
N CYS B 100 -27.71 13.43 27.17
CA CYS B 100 -26.66 12.65 27.80
C CYS B 100 -26.75 11.23 27.26
N ASN B 101 -25.86 10.90 26.34
CA ASN B 101 -25.84 9.59 25.70
C ASN B 101 -24.62 8.73 26.01
N VAL B 102 -23.93 8.98 27.12
CA VAL B 102 -22.75 8.14 27.42
C VAL B 102 -23.08 6.69 27.59
N ALA B 103 -24.26 6.39 28.11
CA ALA B 103 -24.64 5.00 28.32
C ALA B 103 -24.62 4.20 27.02
N ARG B 104 -25.37 4.68 26.05
CA ARG B 104 -25.52 4.05 24.75
C ARG B 104 -24.32 4.14 23.79
N ALA B 105 -23.51 5.17 23.91
CA ALA B 105 -22.31 5.30 23.07
C ALA B 105 -21.42 4.24 23.68
N ALA B 106 -21.16 4.46 24.97
CA ALA B 106 -20.33 3.61 25.81
C ALA B 106 -20.70 2.18 25.49
N GLN B 107 -21.72 2.05 24.66
CA GLN B 107 -22.17 0.74 24.27
C GLN B 107 -21.04 0.15 23.45
N ASN B 108 -20.04 -0.23 24.24
CA ASN B 108 -18.74 -0.91 24.04
C ASN B 108 -18.01 -0.60 25.33
N SER B 109 -18.05 -1.64 26.18
CA SER B 109 -17.42 -1.66 27.50
C SER B 109 -16.21 -0.74 27.37
N PRO B 110 -16.41 0.55 27.70
CA PRO B 110 -15.67 1.79 27.73
C PRO B 110 -14.45 2.09 28.60
N VAL B 111 -13.38 2.42 27.89
CA VAL B 111 -12.19 2.99 28.48
C VAL B 111 -12.56 4.30 29.17
N VAL B 112 -12.54 4.28 30.49
CA VAL B 112 -12.85 5.48 31.28
C VAL B 112 -11.73 5.72 32.28
N VAL B 113 -11.63 6.95 32.76
CA VAL B 113 -10.61 7.32 33.73
C VAL B 113 -11.33 7.70 35.02
N HIS B 114 -10.91 7.09 36.12
CA HIS B 114 -11.51 7.36 37.43
C HIS B 114 -10.65 8.29 38.26
N ILE B 115 -11.28 9.01 39.19
CA ILE B 115 -10.58 9.90 40.11
C ILE B 115 -11.21 9.68 41.48
N ASP B 116 -10.44 9.88 42.54
CA ASP B 116 -10.94 9.67 43.89
C ASP B 116 -11.68 10.90 44.39
N GLY B 117 -11.43 12.03 43.75
CA GLY B 117 -12.08 13.27 44.15
C GLY B 117 -11.22 14.43 43.74
N HIS B 118 -11.32 15.56 44.43
CA HIS B 118 -10.51 16.73 44.11
C HIS B 118 -10.13 17.54 45.34
N GLN B 119 -9.14 18.40 45.17
CA GLN B 119 -8.64 19.25 46.24
C GLN B 119 -8.58 20.71 45.77
N ASP B 120 -9.01 21.65 46.61
CA ASP B 120 -8.94 23.05 46.23
C ASP B 120 -7.62 23.63 46.75
N VAL B 121 -7.00 24.47 45.93
CA VAL B 121 -5.77 25.13 46.34
C VAL B 121 -6.25 26.27 47.23
N PRO B 122 -5.64 26.44 48.42
CA PRO B 122 -6.08 27.53 49.30
C PRO B 122 -6.22 28.85 48.52
N ALA B 123 -7.38 29.49 48.67
CA ALA B 123 -7.68 30.73 47.97
C ALA B 123 -6.57 31.79 47.98
N ASN B 124 -6.28 32.30 46.77
CA ASN B 124 -5.27 33.33 46.55
C ASN B 124 -3.83 32.95 46.84
N SER B 125 -3.52 31.68 47.02
CA SER B 125 -2.13 31.32 47.32
C SER B 125 -1.31 30.85 46.12
N GLU B 126 -0.56 31.76 45.49
CA GLU B 126 0.26 31.37 44.33
C GLU B 126 1.32 30.40 44.81
N GLU B 127 1.65 30.50 46.08
CA GLU B 127 2.64 29.63 46.68
C GLU B 127 2.09 28.20 46.72
N ASP B 128 0.87 28.03 47.18
CA ASP B 128 0.28 26.69 47.22
C ASP B 128 0.02 26.21 45.80
N LEU B 129 -0.30 27.13 44.90
CA LEU B 129 -0.55 26.77 43.50
C LEU B 129 0.72 26.19 42.89
N ALA B 130 1.85 26.80 43.20
CA ALA B 130 3.13 26.36 42.68
C ALA B 130 3.44 24.91 43.10
N ARG B 131 3.21 24.56 44.36
CA ARG B 131 3.51 23.19 44.74
C ARG B 131 2.48 22.19 44.23
N ALA B 132 1.27 22.64 43.94
CA ALA B 132 0.27 21.75 43.38
C ALA B 132 0.69 21.47 41.93
N VAL B 133 1.13 22.52 41.24
CA VAL B 133 1.57 22.41 39.85
C VAL B 133 2.80 21.51 39.73
N ALA B 134 3.67 21.57 40.73
CA ALA B 134 4.88 20.76 40.74
C ALA B 134 4.52 19.27 40.73
N ASN B 135 3.32 18.94 41.21
CA ASN B 135 2.88 17.54 41.23
C ASN B 135 1.95 17.14 40.09
N GLN B 136 1.23 18.11 39.52
CA GLN B 136 0.29 17.79 38.44
C GLN B 136 -0.34 19.04 37.85
N PRO B 137 -0.96 18.92 36.66
CA PRO B 137 -1.58 20.11 36.07
C PRO B 137 -2.72 20.53 37.00
N VAL B 138 -3.02 21.82 37.05
CA VAL B 138 -4.07 22.31 37.94
C VAL B 138 -5.09 23.18 37.21
N SER B 139 -6.36 22.97 37.50
CA SER B 139 -7.43 23.77 36.88
C SER B 139 -7.54 25.11 37.60
N VAL B 140 -7.64 26.19 36.83
CA VAL B 140 -7.74 27.52 37.42
C VAL B 140 -8.75 28.38 36.67
N ALA B 141 -9.20 29.43 37.33
CA ALA B 141 -10.14 30.37 36.74
C ALA B 141 -9.39 31.69 36.58
N VAL B 142 -9.66 32.40 35.49
CA VAL B 142 -9.01 33.68 35.26
C VAL B 142 -9.97 34.61 34.55
N GLU B 143 -9.58 35.88 34.48
CA GLU B 143 -10.38 36.89 33.78
C GLU B 143 -9.75 36.90 32.39
N ALA B 144 -10.48 36.43 31.39
CA ALA B 144 -9.95 36.37 30.04
C ALA B 144 -10.65 37.31 29.06
N SER B 145 -11.61 38.07 29.56
CA SER B 145 -12.38 38.98 28.72
C SER B 145 -11.70 40.30 28.40
N GLY B 146 -10.59 40.61 29.09
CA GLY B 146 -9.90 41.86 28.83
C GLY B 146 -9.20 41.88 27.48
N LYS B 147 -9.06 43.07 26.91
CA LYS B 147 -8.41 43.24 25.63
C LYS B 147 -6.99 42.66 25.61
N ALA B 148 -6.20 43.00 26.62
CA ALA B 148 -4.82 42.54 26.69
C ALA B 148 -4.70 41.02 26.65
N PHE B 149 -5.50 40.32 27.47
CA PHE B 149 -5.46 38.87 27.50
C PHE B 149 -5.95 38.31 26.16
N MET B 150 -7.10 38.80 25.73
CA MET B 150 -7.72 38.35 24.50
C MET B 150 -6.80 38.41 23.27
N PHE B 151 -5.98 39.45 23.17
CA PHE B 151 -5.09 39.56 22.02
C PHE B 151 -3.63 39.22 22.30
N TYR B 152 -3.38 38.53 23.41
CA TYR B 152 -2.03 38.12 23.77
C TYR B 152 -1.50 37.24 22.63
N SER B 153 -0.22 37.37 22.30
CA SER B 153 0.35 36.54 21.23
C SER B 153 1.65 35.85 21.63
N GLU B 154 2.48 36.51 22.42
CA GLU B 154 3.76 35.93 22.86
C GLU B 154 4.38 36.62 24.05
N GLY B 155 5.32 35.92 24.70
CA GLY B 155 6.01 36.46 25.85
C GLY B 155 5.31 36.18 27.17
N VAL B 156 5.82 36.77 28.26
CA VAL B 156 5.23 36.59 29.57
C VAL B 156 4.18 37.69 29.74
N PHE B 157 2.91 37.29 29.76
CA PHE B 157 1.82 38.24 29.93
C PHE B 157 1.90 38.90 31.30
N THR B 158 2.08 40.22 31.32
CA THR B 158 2.20 40.96 32.56
C THR B 158 0.91 41.71 32.94
N GLY B 159 -0.07 41.72 32.04
CA GLY B 159 -1.33 42.43 32.28
C GLY B 159 -1.64 43.20 31.02
N GLU B 160 -2.66 44.08 30.98
CA GLU B 160 -3.56 44.42 32.08
C GLU B 160 -4.81 43.54 32.15
N CYS B 161 -5.19 43.18 33.38
CA CYS B 161 -6.38 42.36 33.62
C CYS B 161 -6.81 42.46 35.08
N GLY B 162 -8.12 42.32 35.31
CA GLY B 162 -8.64 42.40 36.65
C GLY B 162 -8.91 41.01 37.20
N THR B 163 -9.96 40.90 38.02
CA THR B 163 -10.30 39.61 38.61
C THR B 163 -11.76 39.23 38.42
N GLU B 164 -12.34 39.64 37.30
CA GLU B 164 -13.71 39.28 36.98
C GLU B 164 -13.62 37.91 36.32
N LEU B 165 -13.44 36.88 37.14
CA LEU B 165 -13.30 35.50 36.67
C LEU B 165 -14.45 35.09 35.76
N ASP B 166 -14.10 34.64 34.56
CA ASP B 166 -15.11 34.23 33.59
C ASP B 166 -14.63 33.12 32.67
N HIS B 167 -13.42 32.64 32.89
CA HIS B 167 -12.86 31.63 32.01
C HIS B 167 -12.05 30.59 32.78
N GLY B 168 -12.31 29.33 32.48
CA GLY B 168 -11.60 28.25 33.14
C GLY B 168 -10.54 27.67 32.24
N VAL B 169 -9.30 27.60 32.73
CA VAL B 169 -8.19 27.05 31.98
C VAL B 169 -7.37 26.15 32.89
N ALA B 170 -6.17 25.76 32.45
CA ALA B 170 -5.34 24.89 33.26
C ALA B 170 -3.87 25.25 33.21
N VAL B 171 -3.20 25.12 34.35
CA VAL B 171 -1.78 25.41 34.43
C VAL B 171 -1.04 24.08 34.34
N VAL B 172 -0.21 23.94 33.32
CA VAL B 172 0.53 22.69 33.15
C VAL B 172 2.01 22.83 33.50
N GLY B 173 2.38 23.96 34.10
CA GLY B 173 3.77 24.16 34.48
C GLY B 173 4.12 25.58 34.84
N TYR B 174 5.40 25.83 35.11
CA TYR B 174 5.86 27.17 35.44
C TYR B 174 7.36 27.27 35.24
N GLY B 175 7.86 28.49 35.10
CA GLY B 175 9.27 28.69 34.90
C GLY B 175 9.66 30.14 35.02
N VAL B 176 10.84 30.48 34.50
CA VAL B 176 11.33 31.85 34.55
C VAL B 176 11.82 32.24 33.16
N ALA B 177 11.33 33.36 32.65
CA ALA B 177 11.74 33.83 31.32
C ALA B 177 13.21 34.22 31.36
N GLU B 178 13.81 34.44 30.20
CA GLU B 178 15.22 34.80 30.19
C GLU B 178 15.46 36.15 30.85
N ASP B 179 14.45 37.02 30.84
CA ASP B 179 14.61 38.33 31.47
C ASP B 179 14.36 38.25 32.97
N GLY B 180 14.27 37.03 33.51
CA GLY B 180 14.08 36.84 34.94
C GLY B 180 12.65 36.87 35.46
N LYS B 181 11.67 37.01 34.58
CA LYS B 181 10.25 37.05 34.97
C LYS B 181 9.62 35.66 35.13
N ALA B 182 9.10 35.37 36.32
CA ALA B 182 8.44 34.09 36.58
C ALA B 182 7.12 34.03 35.84
N TYR B 183 6.67 32.84 35.48
CA TYR B 183 5.41 32.71 34.75
C TYR B 183 4.75 31.35 34.94
N TRP B 184 3.44 31.31 34.67
CA TRP B 184 2.67 30.07 34.74
C TRP B 184 2.40 29.67 33.30
N THR B 185 2.56 28.39 32.99
CA THR B 185 2.30 27.93 31.64
C THR B 185 0.83 27.49 31.62
N VAL B 186 0.00 28.29 30.97
CA VAL B 186 -1.43 28.04 30.90
C VAL B 186 -1.90 27.51 29.55
N LYS B 187 -2.60 26.38 29.58
CA LYS B 187 -3.14 25.77 28.38
C LYS B 187 -4.54 26.35 28.19
N ASN B 188 -4.73 27.08 27.10
CA ASN B 188 -6.03 27.67 26.83
C ASN B 188 -6.77 26.74 25.86
N SER B 189 -8.05 27.01 25.65
CA SER B 189 -8.85 26.18 24.75
C SER B 189 -9.45 27.01 23.62
N TRP B 190 -8.65 27.92 23.08
CA TRP B 190 -9.10 28.74 21.97
C TRP B 190 -8.38 28.35 20.69
N GLY B 191 -7.95 27.10 20.61
CA GLY B 191 -7.25 26.64 19.42
C GLY B 191 -5.76 26.90 19.49
N PRO B 192 -4.95 26.19 18.70
CA PRO B 192 -3.50 26.33 18.66
C PRO B 192 -2.94 27.59 18.02
N SER B 193 -3.78 28.33 17.30
CA SER B 193 -3.27 29.55 16.67
C SER B 193 -3.28 30.75 17.61
N TRP B 194 -3.90 30.60 18.77
CA TRP B 194 -3.95 31.69 19.74
C TRP B 194 -2.74 31.65 20.65
N GLY B 195 -2.18 32.82 20.96
CA GLY B 195 -1.02 32.88 21.84
C GLY B 195 0.17 32.07 21.37
N GLU B 196 0.88 31.44 22.30
CA GLU B 196 2.03 30.63 21.94
C GLU B 196 1.58 29.18 21.72
N GLN B 197 1.12 28.92 20.50
CA GLN B 197 0.65 27.60 20.10
C GLN B 197 -0.50 27.13 21.01
N GLY B 198 -1.36 28.08 21.38
CA GLY B 198 -2.50 27.76 22.22
C GLY B 198 -2.25 28.02 23.69
N TYR B 199 -1.01 28.37 24.03
CA TYR B 199 -0.63 28.63 25.41
C TYR B 199 -0.36 30.09 25.71
N ILE B 200 -0.46 30.45 26.99
CA ILE B 200 -0.14 31.80 27.41
C ILE B 200 0.66 31.67 28.70
N ARG B 201 1.77 32.38 28.77
CA ARG B 201 2.59 32.36 29.97
C ARG B 201 2.20 33.58 30.80
N VAL B 202 1.48 33.33 31.89
CA VAL B 202 1.00 34.39 32.78
C VAL B 202 2.01 34.65 33.88
N GLU B 203 2.39 35.91 34.06
CA GLU B 203 3.36 36.26 35.09
C GLU B 203 3.02 35.63 36.43
N LYS B 204 4.00 34.94 37.01
CA LYS B 204 3.84 34.27 38.30
C LYS B 204 4.42 35.10 39.43
N ASP B 205 3.83 35.01 40.61
CA ASP B 205 4.28 35.75 41.78
C ASP B 205 4.37 37.25 41.51
N SER B 206 3.39 37.77 40.79
CA SER B 206 3.36 39.19 40.49
C SER B 206 2.94 39.89 41.78
N GLY B 207 2.67 41.18 41.71
CA GLY B 207 2.25 41.87 42.92
C GLY B 207 0.81 41.60 43.33
N ALA B 208 -0.02 41.17 42.38
CA ALA B 208 -1.43 40.91 42.64
C ALA B 208 -1.71 39.79 43.65
N SER B 209 -2.34 40.17 44.75
CA SER B 209 -2.68 39.27 45.84
C SER B 209 -3.19 37.88 45.47
N GLY B 210 -4.15 37.79 44.55
CA GLY B 210 -4.67 36.50 44.16
C GLY B 210 -4.10 35.99 42.84
N GLY B 211 -2.97 36.54 42.45
CA GLY B 211 -2.33 36.14 41.20
C GLY B 211 -2.83 36.98 40.03
N LEU B 212 -1.99 37.14 39.02
CA LEU B 212 -2.38 37.91 37.84
C LEU B 212 -3.64 37.30 37.23
N CYS B 213 -4.61 38.15 36.90
CA CYS B 213 -5.86 37.70 36.31
C CYS B 213 -6.67 36.84 37.27
N GLY B 214 -6.28 36.84 38.55
CA GLY B 214 -6.96 36.05 39.55
C GLY B 214 -6.71 34.56 39.41
N ILE B 215 -5.61 34.21 38.77
CA ILE B 215 -5.25 32.80 38.52
C ILE B 215 -5.16 31.90 39.75
N ALA B 216 -4.88 32.45 40.93
CA ALA B 216 -4.78 31.63 42.13
C ALA B 216 -5.99 31.78 43.05
N MET B 217 -7.05 32.39 42.53
CA MET B 217 -8.26 32.60 43.33
C MET B 217 -9.18 31.39 43.49
N GLU B 218 -9.31 30.60 42.43
CA GLU B 218 -10.17 29.40 42.47
C GLU B 218 -9.54 28.24 41.75
N ALA B 219 -8.39 27.77 42.24
CA ALA B 219 -7.71 26.65 41.63
C ALA B 219 -8.03 25.35 42.35
N SER B 220 -8.10 24.27 41.59
CA SER B 220 -8.39 22.96 42.15
C SER B 220 -7.80 21.88 41.23
N TYR B 221 -7.58 20.69 41.79
CA TYR B 221 -7.02 19.59 41.03
C TYR B 221 -7.60 18.26 41.51
N PRO B 222 -7.62 17.26 40.62
CA PRO B 222 -8.14 15.93 40.95
C PRO B 222 -7.16 15.05 41.71
N VAL B 223 -7.70 14.13 42.50
CA VAL B 223 -6.89 13.19 43.28
C VAL B 223 -7.12 11.80 42.71
N LYS B 224 -6.04 11.06 42.49
CA LYS B 224 -6.13 9.71 41.93
C LYS B 224 -4.97 8.87 42.48
N THR B 225 -5.29 7.69 43.03
CA THR B 225 -4.24 6.84 43.59
C THR B 225 -4.24 5.38 43.18
N TYR B 226 -5.37 4.70 43.44
CA TYR B 226 -5.56 3.27 43.15
C TYR B 226 -5.51 2.44 44.44
N ASP C 3 31.92 -10.38 -7.36
CA ASP C 3 31.86 -9.03 -8.00
C ASP C 3 31.29 -9.16 -9.41
N LEU C 4 30.59 -8.12 -9.85
CA LEU C 4 29.93 -8.09 -11.17
C LEU C 4 30.86 -7.89 -12.36
N PRO C 5 30.62 -8.65 -13.45
CA PRO C 5 31.44 -8.52 -14.64
C PRO C 5 31.37 -7.09 -15.15
N PRO C 6 32.45 -6.59 -15.78
CA PRO C 6 32.47 -5.23 -16.30
C PRO C 6 31.50 -5.01 -17.46
N SER C 7 31.06 -6.11 -18.07
CA SER C 7 30.15 -6.02 -19.20
C SER C 7 29.24 -7.24 -19.25
N VAL C 8 28.05 -7.08 -19.82
CA VAL C 8 27.08 -8.17 -19.93
C VAL C 8 26.22 -7.97 -21.17
N ASP C 9 26.03 -9.03 -21.95
CA ASP C 9 25.20 -8.96 -23.15
C ASP C 9 24.54 -10.31 -23.39
N TRP C 10 23.34 -10.48 -22.86
CA TRP C 10 22.63 -11.73 -22.99
C TRP C 10 22.31 -12.11 -24.44
N ARG C 11 22.42 -11.14 -25.35
CA ARG C 11 22.16 -11.42 -26.75
C ARG C 11 23.26 -12.33 -27.29
N GLN C 12 24.49 -12.04 -26.89
CA GLN C 12 25.64 -12.84 -27.32
C GLN C 12 25.65 -14.23 -26.70
N LYS C 13 24.91 -14.40 -25.60
CA LYS C 13 24.84 -15.67 -24.91
C LYS C 13 23.67 -16.52 -25.41
N GLY C 14 23.00 -16.04 -26.45
CA GLY C 14 21.87 -16.77 -27.01
C GLY C 14 20.65 -16.84 -26.11
N ALA C 15 20.43 -15.82 -25.29
CA ALA C 15 19.29 -15.81 -24.39
C ALA C 15 18.28 -14.73 -24.76
N VAL C 16 18.44 -14.14 -25.94
CA VAL C 16 17.55 -13.08 -26.38
C VAL C 16 17.05 -13.30 -27.81
N THR C 17 15.73 -13.32 -27.98
CA THR C 17 15.16 -13.53 -29.30
C THR C 17 15.25 -12.25 -30.11
N GLY C 18 14.65 -12.27 -31.30
CA GLY C 18 14.68 -11.09 -32.15
C GLY C 18 13.81 -9.95 -31.68
N VAL C 19 14.08 -8.76 -32.19
CA VAL C 19 13.31 -7.58 -31.82
C VAL C 19 11.93 -7.61 -32.47
N LYS C 20 10.91 -7.28 -31.70
CA LYS C 20 9.54 -7.25 -32.24
C LYS C 20 8.98 -5.84 -32.32
N ASP C 21 7.81 -5.73 -32.93
CA ASP C 21 7.12 -4.47 -33.06
C ASP C 21 5.72 -4.69 -32.50
N GLN C 22 5.44 -4.05 -31.37
CA GLN C 22 4.14 -4.17 -30.73
C GLN C 22 3.03 -3.52 -31.53
N GLY C 23 3.42 -2.62 -32.44
CA GLY C 23 2.43 -1.94 -33.24
C GLY C 23 1.63 -0.94 -32.42
N LYS C 24 0.38 -0.73 -32.84
CA LYS C 24 -0.53 0.21 -32.23
C LYS C 24 -1.04 -0.18 -30.84
N CYS C 25 -0.98 -1.46 -30.55
CA CYS C 25 -1.44 -1.98 -29.27
C CYS C 25 -0.51 -1.58 -28.12
N GLY C 26 -1.08 -1.03 -27.05
CA GLY C 26 -0.28 -0.62 -25.91
C GLY C 26 0.09 -1.83 -25.06
N SER C 27 0.73 -2.81 -25.70
CA SER C 27 1.13 -4.06 -25.06
C SER C 27 2.60 -4.17 -24.69
N CYS C 28 3.25 -3.02 -24.48
CA CYS C 28 4.66 -3.01 -24.11
C CYS C 28 4.93 -3.87 -22.87
N TRP C 29 3.99 -3.85 -21.92
CA TRP C 29 4.12 -4.63 -20.69
C TRP C 29 4.23 -6.12 -20.98
N ALA C 30 3.49 -6.58 -22.00
CA ALA C 30 3.52 -7.98 -22.37
C ALA C 30 4.85 -8.33 -23.03
N PHE C 31 5.34 -7.45 -23.90
CA PHE C 31 6.61 -7.71 -24.56
C PHE C 31 7.78 -7.71 -23.57
N SER C 32 7.76 -6.77 -22.63
CA SER C 32 8.80 -6.66 -21.61
C SER C 32 8.84 -7.97 -20.82
N THR C 33 7.66 -8.42 -20.40
CA THR C 33 7.52 -9.66 -19.64
C THR C 33 8.11 -10.83 -20.40
N VAL C 34 7.74 -10.96 -21.67
CA VAL C 34 8.24 -12.05 -22.51
C VAL C 34 9.76 -12.05 -22.69
N VAL C 35 10.37 -10.89 -22.84
CA VAL C 35 11.82 -10.84 -22.99
C VAL C 35 12.46 -11.52 -21.77
N SER C 36 12.01 -11.12 -20.58
CA SER C 36 12.55 -11.67 -19.35
C SER C 36 12.30 -13.15 -19.19
N VAL C 37 11.10 -13.62 -19.56
CA VAL C 37 10.81 -15.03 -19.42
C VAL C 37 11.57 -15.84 -20.47
N GLU C 38 11.66 -15.34 -21.69
CA GLU C 38 12.40 -16.05 -22.73
C GLU C 38 13.85 -16.15 -22.25
N GLY C 39 14.32 -15.08 -21.62
CA GLY C 39 15.68 -15.04 -21.13
C GLY C 39 16.04 -16.06 -20.07
N ILE C 40 15.26 -16.09 -18.99
CA ILE C 40 15.54 -17.02 -17.91
C ILE C 40 15.33 -18.48 -18.34
N ASN C 41 14.43 -18.70 -19.29
CA ASN C 41 14.18 -20.06 -19.77
C ASN C 41 15.37 -20.54 -20.57
N ALA C 42 15.97 -19.64 -21.33
CA ALA C 42 17.14 -19.98 -22.14
C ALA C 42 18.33 -20.25 -21.24
N ILE C 43 18.47 -19.43 -20.21
CA ILE C 43 19.58 -19.56 -19.28
C ILE C 43 19.49 -20.85 -18.47
N ARG C 44 18.27 -21.23 -18.09
CA ARG C 44 18.07 -22.43 -17.28
C ARG C 44 18.02 -23.73 -18.07
N THR C 45 17.58 -23.67 -19.31
CA THR C 45 17.47 -24.89 -20.13
C THR C 45 18.44 -24.94 -21.32
N GLY C 46 18.98 -23.80 -21.71
CA GLY C 46 19.89 -23.76 -22.85
C GLY C 46 19.15 -23.71 -24.17
N SER C 47 17.83 -23.65 -24.10
CA SER C 47 16.99 -23.60 -25.30
C SER C 47 16.26 -22.26 -25.41
N LEU C 48 16.54 -21.52 -26.47
CA LEU C 48 15.90 -20.22 -26.68
C LEU C 48 14.58 -20.40 -27.42
N VAL C 49 13.48 -20.11 -26.73
CA VAL C 49 12.15 -20.25 -27.31
C VAL C 49 11.38 -18.93 -27.30
N SER C 50 10.74 -18.62 -28.43
CA SER C 50 9.97 -17.38 -28.54
C SER C 50 8.61 -17.62 -27.90
N LEU C 51 8.23 -16.77 -26.95
CA LEU C 51 6.96 -16.94 -26.26
C LEU C 51 5.86 -16.00 -26.75
N SER C 52 4.64 -16.29 -26.30
CA SER C 52 3.45 -15.55 -26.71
C SER C 52 3.01 -14.34 -25.91
N GLU C 53 3.28 -13.15 -26.43
CA GLU C 53 2.84 -11.96 -25.74
C GLU C 53 1.31 -11.85 -25.92
N GLN C 54 0.78 -12.51 -26.95
CA GLN C 54 -0.66 -12.47 -27.19
C GLN C 54 -1.44 -13.17 -26.08
N GLU C 55 -0.87 -14.24 -25.51
CA GLU C 55 -1.55 -14.93 -24.42
C GLU C 55 -1.74 -14.00 -23.25
N LEU C 56 -0.71 -13.22 -22.94
CA LEU C 56 -0.79 -12.28 -21.83
C LEU C 56 -1.88 -11.25 -22.09
N ILE C 57 -1.93 -10.74 -23.31
CA ILE C 57 -2.91 -9.75 -23.69
C ILE C 57 -4.34 -10.27 -23.57
N ASP C 58 -4.60 -11.47 -24.08
CA ASP C 58 -5.96 -12.03 -24.03
C ASP C 58 -6.34 -12.68 -22.70
N CYS C 59 -5.39 -13.36 -22.05
CA CYS C 59 -5.66 -14.10 -20.82
C CYS C 59 -5.33 -13.44 -19.49
N ASP C 60 -4.31 -12.60 -19.45
CA ASP C 60 -3.94 -11.94 -18.20
C ASP C 60 -4.78 -10.68 -18.09
N THR C 61 -6.02 -10.83 -17.66
CA THR C 61 -6.94 -9.71 -17.57
C THR C 61 -7.46 -9.33 -16.17
N ALA C 62 -6.95 -9.97 -15.12
CA ALA C 62 -7.39 -9.65 -13.76
C ALA C 62 -7.10 -8.20 -13.41
N ASP C 63 -5.88 -7.74 -13.69
CA ASP C 63 -5.49 -6.37 -13.40
C ASP C 63 -4.92 -5.68 -14.61
N ASN C 64 -4.27 -6.44 -15.50
CA ASN C 64 -3.72 -5.84 -16.70
C ASN C 64 -4.88 -5.63 -17.67
N ASP C 65 -4.73 -4.64 -18.55
CA ASP C 65 -5.81 -4.30 -19.47
C ASP C 65 -5.48 -4.35 -20.96
N GLY C 66 -5.02 -5.50 -21.43
CA GLY C 66 -4.71 -5.67 -22.83
C GLY C 66 -3.97 -4.55 -23.53
N CYS C 67 -4.52 -4.11 -24.66
CA CYS C 67 -3.94 -3.05 -25.47
C CYS C 67 -3.96 -1.67 -24.82
N GLN C 68 -4.67 -1.56 -23.70
CA GLN C 68 -4.77 -0.31 -22.97
C GLN C 68 -3.70 -0.14 -21.91
N GLY C 69 -2.89 -1.17 -21.72
CA GLY C 69 -1.82 -1.09 -20.72
C GLY C 69 -1.78 -2.24 -19.74
N GLY C 70 -0.69 -2.29 -18.97
CA GLY C 70 -0.53 -3.34 -17.99
C GLY C 70 0.78 -3.20 -17.22
N LEU C 71 1.06 -4.20 -16.40
CA LEU C 71 2.27 -4.22 -15.58
C LEU C 71 2.96 -5.57 -15.69
N MET C 72 4.28 -5.54 -15.81
CA MET C 72 5.05 -6.78 -15.94
C MET C 72 4.95 -7.66 -14.68
N ASP C 73 4.93 -7.06 -13.50
CA ASP C 73 4.84 -7.88 -12.30
C ASP C 73 3.49 -8.61 -12.23
N ASN C 74 2.43 -7.98 -12.74
CA ASN C 74 1.12 -8.65 -12.75
C ASN C 74 1.16 -9.82 -13.74
N ALA C 75 1.92 -9.65 -14.82
CA ALA C 75 2.07 -10.67 -15.85
C ALA C 75 2.84 -11.87 -15.32
N PHE C 76 3.91 -11.62 -14.57
CA PHE C 76 4.69 -12.72 -14.02
C PHE C 76 3.80 -13.57 -13.10
N GLU C 77 2.93 -12.89 -12.36
CA GLU C 77 2.02 -13.58 -11.45
C GLU C 77 1.09 -14.49 -12.26
N TYR C 78 0.60 -13.98 -13.38
CA TYR C 78 -0.28 -14.76 -14.25
C TYR C 78 0.41 -16.02 -14.75
N ILE C 79 1.64 -15.85 -15.24
CA ILE C 79 2.41 -16.97 -15.75
C ILE C 79 2.66 -18.00 -14.66
N LYS C 80 2.97 -17.52 -13.46
CA LYS C 80 3.21 -18.41 -12.32
C LYS C 80 1.99 -19.24 -11.98
N ASN C 81 0.84 -18.58 -11.94
CA ASN C 81 -0.40 -19.25 -11.55
C ASN C 81 -1.24 -19.88 -12.64
N ASN C 82 -0.87 -19.71 -13.90
CA ASN C 82 -1.67 -20.30 -14.97
C ASN C 82 -0.96 -21.29 -15.88
N GLY C 83 -0.04 -22.06 -15.31
CA GLY C 83 0.65 -23.06 -16.10
C GLY C 83 1.67 -22.60 -17.11
N GLY C 84 2.34 -21.49 -16.85
CA GLY C 84 3.37 -21.01 -17.75
C GLY C 84 2.90 -20.16 -18.92
N LEU C 85 3.79 -19.97 -19.90
CA LEU C 85 3.48 -19.18 -21.09
C LEU C 85 3.62 -20.06 -22.32
N ILE C 86 2.67 -19.97 -23.23
CA ILE C 86 2.71 -20.78 -24.45
C ILE C 86 3.67 -20.14 -25.47
N THR C 87 4.08 -20.91 -26.48
CA THR C 87 5.00 -20.38 -27.49
C THR C 87 4.31 -19.44 -28.47
N GLU C 88 5.12 -18.58 -29.10
CA GLU C 88 4.62 -17.61 -30.07
C GLU C 88 3.91 -18.34 -31.20
N ALA C 89 4.56 -19.39 -31.71
CA ALA C 89 4.02 -20.18 -32.81
C ALA C 89 2.61 -20.70 -32.52
N ALA C 90 2.38 -21.12 -31.29
CA ALA C 90 1.10 -21.65 -30.89
C ALA C 90 0.03 -20.58 -30.72
N TYR C 91 0.45 -19.37 -30.38
CA TYR C 91 -0.49 -18.27 -30.14
C TYR C 91 0.15 -16.95 -30.59
N PRO C 92 0.31 -16.77 -31.92
CA PRO C 92 0.90 -15.58 -32.55
C PRO C 92 0.28 -14.22 -32.23
N TYR C 93 1.12 -13.20 -32.26
CA TYR C 93 0.71 -11.83 -31.95
C TYR C 93 -0.25 -11.25 -32.99
N ARG C 94 -1.31 -10.63 -32.50
CA ARG C 94 -2.35 -10.04 -33.35
C ARG C 94 -2.40 -8.51 -33.21
N ALA C 95 -1.71 -7.98 -32.20
CA ALA C 95 -1.71 -6.55 -31.96
C ALA C 95 -3.11 -6.03 -31.63
N ALA C 96 -3.93 -6.90 -31.07
CA ALA C 96 -5.28 -6.53 -30.66
C ALA C 96 -5.75 -7.60 -29.69
N ARG C 97 -6.56 -7.21 -28.71
CA ARG C 97 -7.04 -8.17 -27.74
C ARG C 97 -8.21 -8.98 -28.25
N GLY C 98 -8.13 -10.29 -28.07
CA GLY C 98 -9.19 -11.15 -28.51
C GLY C 98 -9.59 -12.06 -27.36
N THR C 99 -10.36 -13.08 -27.68
CA THR C 99 -10.81 -14.03 -26.68
C THR C 99 -9.61 -14.89 -26.27
N CYS C 100 -9.55 -15.22 -24.99
CA CYS C 100 -8.46 -16.05 -24.49
C CYS C 100 -8.71 -17.49 -24.94
N ASN C 101 -8.00 -17.92 -25.98
CA ASN C 101 -8.17 -19.27 -26.47
C ASN C 101 -6.88 -20.08 -26.47
N VAL C 102 -6.12 -19.99 -25.38
CA VAL C 102 -4.88 -20.75 -25.30
C VAL C 102 -5.16 -22.24 -25.08
N ALA C 103 -6.30 -22.54 -24.45
CA ALA C 103 -6.66 -23.93 -24.21
C ALA C 103 -6.71 -24.73 -25.52
N ARG C 104 -7.52 -24.28 -26.48
CA ARG C 104 -7.59 -25.00 -27.75
C ARG C 104 -6.27 -24.86 -28.48
N ALA C 105 -5.62 -23.71 -28.32
CA ALA C 105 -4.33 -23.49 -28.97
C ALA C 105 -3.36 -24.57 -28.53
N ALA C 106 -3.38 -24.89 -27.23
CA ALA C 106 -2.48 -25.90 -26.66
C ALA C 106 -2.80 -27.31 -27.13
N GLN C 107 -4.03 -27.52 -27.59
CA GLN C 107 -4.46 -28.84 -28.06
C GLN C 107 -3.47 -29.38 -29.11
N ASN C 108 -3.02 -28.52 -30.02
CA ASN C 108 -2.07 -28.94 -31.05
C ASN C 108 -0.61 -28.50 -30.82
N SER C 109 -0.39 -27.65 -29.82
CA SER C 109 0.95 -27.15 -29.50
C SER C 109 1.04 -26.92 -27.98
N PRO C 110 1.33 -27.99 -27.22
CA PRO C 110 1.45 -27.99 -25.75
C PRO C 110 2.64 -27.32 -25.05
N VAL C 111 3.75 -27.12 -25.75
CA VAL C 111 4.93 -26.52 -25.11
C VAL C 111 4.70 -25.21 -24.38
N VAL C 112 5.08 -25.18 -23.10
CA VAL C 112 4.93 -23.98 -22.29
C VAL C 112 6.18 -23.80 -21.43
N VAL C 113 6.45 -22.56 -21.05
CA VAL C 113 7.60 -22.25 -20.19
C VAL C 113 7.03 -21.82 -18.84
N HIS C 114 7.47 -22.49 -17.77
CA HIS C 114 7.02 -22.20 -16.41
C HIS C 114 8.03 -21.33 -15.65
N ILE C 115 7.52 -20.61 -14.65
CA ILE C 115 8.38 -19.79 -13.78
C ILE C 115 7.87 -20.01 -12.35
N ASP C 116 8.77 -19.89 -11.38
CA ASP C 116 8.39 -20.08 -9.98
C ASP C 116 7.74 -18.84 -9.39
N GLY C 117 8.01 -17.69 -10.03
CA GLY C 117 7.47 -16.44 -9.55
C GLY C 117 8.35 -15.32 -10.04
N HIS C 118 8.39 -14.20 -9.31
CA HIS C 118 9.22 -13.08 -9.70
C HIS C 118 9.77 -12.30 -8.51
N GLN C 119 10.78 -11.50 -8.76
CA GLN C 119 11.42 -10.69 -7.72
C GLN C 119 11.53 -9.23 -8.19
N ASP C 120 11.24 -8.30 -7.29
CA ASP C 120 11.35 -6.89 -7.64
C ASP C 120 12.73 -6.39 -7.26
N VAL C 121 13.32 -5.58 -8.12
CA VAL C 121 14.62 -5.00 -7.82
C VAL C 121 14.30 -3.84 -6.87
N PRO C 122 15.04 -3.72 -5.76
CA PRO C 122 14.76 -2.63 -4.82
C PRO C 122 14.62 -1.29 -5.56
N ALA C 123 13.52 -0.59 -5.29
CA ALA C 123 13.23 0.68 -5.94
C ALA C 123 14.38 1.67 -6.03
N ASN C 124 14.60 2.19 -7.23
CA ASN C 124 15.63 3.17 -7.54
C ASN C 124 17.08 2.73 -7.40
N SER C 125 17.34 1.43 -7.27
CA SER C 125 18.72 0.98 -7.12
C SER C 125 19.38 0.48 -8.42
N GLU C 126 20.11 1.35 -9.09
CA GLU C 126 20.79 0.95 -10.33
C GLU C 126 21.83 -0.09 -9.98
N GLU C 127 22.29 -0.03 -8.73
CA GLU C 127 23.28 -0.97 -8.25
C GLU C 127 22.67 -2.36 -8.19
N ASP C 128 21.48 -2.49 -7.60
CA ASP C 128 20.83 -3.79 -7.53
C ASP C 128 20.39 -4.23 -8.94
N LEU C 129 20.04 -3.27 -9.78
CA LEU C 129 19.63 -3.58 -11.15
C LEU C 129 20.81 -4.23 -11.89
N ALA C 130 21.99 -3.67 -11.70
CA ALA C 130 23.20 -4.19 -12.33
C ALA C 130 23.44 -5.66 -11.98
N ARG C 131 23.31 -6.01 -10.71
CA ARG C 131 23.50 -7.40 -10.26
C ARG C 131 22.44 -8.32 -10.81
N ALA C 132 21.22 -7.81 -10.94
CA ALA C 132 20.12 -8.62 -11.46
C ALA C 132 20.39 -8.90 -12.94
N VAL C 133 20.82 -7.86 -13.66
CA VAL C 133 21.13 -7.97 -15.08
C VAL C 133 22.29 -8.92 -15.33
N ALA C 134 23.25 -8.94 -14.42
CA ALA C 134 24.40 -9.82 -14.56
C ALA C 134 23.96 -11.28 -14.56
N ASN C 135 22.79 -11.55 -13.96
CA ASN C 135 22.28 -12.92 -13.91
C ASN C 135 21.23 -13.25 -14.95
N GLN C 136 20.51 -12.24 -15.43
CA GLN C 136 19.45 -12.49 -16.42
C GLN C 136 18.84 -11.18 -16.93
N PRO C 137 18.11 -11.24 -18.05
CA PRO C 137 17.49 -10.02 -18.56
C PRO C 137 16.47 -9.57 -17.52
N VAL C 138 16.25 -8.25 -17.41
CA VAL C 138 15.33 -7.72 -16.42
C VAL C 138 14.29 -6.79 -17.02
N SER C 139 13.05 -6.91 -16.59
CA SER C 139 11.97 -6.05 -17.08
C SER C 139 12.00 -4.71 -16.34
N VAL C 140 11.89 -3.62 -17.08
CA VAL C 140 11.92 -2.30 -16.46
C VAL C 140 10.90 -1.36 -17.09
N ALA C 141 10.57 -0.31 -16.36
CA ALA C 141 9.65 0.70 -16.83
C ALA C 141 10.44 1.97 -17.05
N VAL C 142 10.11 2.73 -18.09
CA VAL C 142 10.80 3.98 -18.38
C VAL C 142 9.82 4.97 -18.96
N GLU C 143 10.26 6.22 -19.06
CA GLU C 143 9.47 7.29 -19.67
C GLU C 143 9.97 7.29 -21.10
N ALA C 144 9.11 6.89 -22.04
CA ALA C 144 9.53 6.84 -23.43
C ALA C 144 8.78 7.82 -24.32
N SER C 145 7.91 8.63 -23.73
CA SER C 145 7.12 9.58 -24.48
C SER C 145 7.85 10.88 -24.84
N GLY C 146 9.02 11.10 -24.25
CA GLY C 146 9.76 12.32 -24.56
C GLY C 146 10.33 12.33 -25.96
N LYS C 147 10.46 13.53 -26.54
CA LYS C 147 11.00 13.67 -27.89
C LYS C 147 12.36 13.02 -28.05
N ALA C 148 13.27 13.29 -27.12
CA ALA C 148 14.62 12.74 -27.18
C ALA C 148 14.64 11.22 -27.26
N PHE C 149 13.89 10.57 -26.38
CA PHE C 149 13.85 9.12 -26.37
C PHE C 149 13.21 8.62 -27.67
N MET C 150 12.05 9.17 -27.98
CA MET C 150 11.29 8.79 -29.15
C MET C 150 12.08 8.81 -30.46
N PHE C 151 12.94 9.81 -30.63
CA PHE C 151 13.72 9.89 -31.86
C PHE C 151 15.18 9.47 -31.73
N TYR C 152 15.49 8.75 -30.66
CA TYR C 152 16.86 8.26 -30.47
C TYR C 152 17.21 7.37 -31.66
N SER C 153 18.46 7.43 -32.11
CA SER C 153 18.87 6.60 -33.24
C SER C 153 20.15 5.82 -32.98
N GLU C 154 21.10 6.43 -32.26
CA GLU C 154 22.37 5.76 -31.97
C GLU C 154 23.17 6.40 -30.83
N GLY C 155 24.12 5.63 -30.29
CA GLY C 155 24.96 6.12 -29.21
C GLY C 155 24.37 5.85 -27.83
N VAL C 156 25.02 6.38 -26.80
CA VAL C 156 24.52 6.20 -25.44
C VAL C 156 23.57 7.35 -25.14
N PHE C 157 22.30 7.02 -25.00
CA PHE C 157 21.28 8.03 -24.71
C PHE C 157 21.54 8.66 -23.34
N THR C 158 21.80 9.97 -23.32
CA THR C 158 22.08 10.66 -22.07
C THR C 158 20.88 11.48 -21.55
N GLY C 159 19.82 11.56 -22.36
CA GLY C 159 18.65 12.34 -21.98
C GLY C 159 18.24 13.13 -23.20
N GLU C 160 17.28 14.05 -23.14
CA GLU C 160 16.51 14.47 -21.97
C GLU C 160 15.23 13.65 -21.75
N CYS C 161 14.97 13.30 -20.49
CA CYS C 161 13.78 12.52 -20.14
C CYS C 161 13.47 12.62 -18.65
N GLY C 162 12.19 12.54 -18.30
CA GLY C 162 11.81 12.62 -16.91
C GLY C 162 11.52 11.24 -16.34
N THR C 163 10.55 11.16 -15.42
CA THR C 163 10.20 9.90 -14.80
C THR C 163 8.70 9.60 -14.87
N GLU C 164 8.03 10.07 -15.92
CA GLU C 164 6.61 9.79 -16.09
C GLU C 164 6.56 8.43 -16.79
N LEU C 165 6.77 7.37 -16.01
CA LEU C 165 6.77 6.01 -16.51
C LEU C 165 5.54 5.67 -17.32
N ASP C 166 5.72 5.24 -18.56
CA ASP C 166 4.60 4.90 -19.43
C ASP C 166 4.94 3.79 -20.41
N HIS C 167 6.14 3.24 -20.32
CA HIS C 167 6.54 2.21 -21.27
C HIS C 167 7.36 1.11 -20.62
N GLY C 168 6.99 -0.14 -20.88
CA GLY C 168 7.71 -1.26 -20.31
C GLY C 168 8.64 -1.86 -21.34
N VAL C 169 9.90 -2.03 -20.97
CA VAL C 169 10.90 -2.62 -21.85
C VAL C 169 11.76 -3.57 -21.03
N ALA C 170 12.88 -4.03 -21.58
CA ALA C 170 13.73 -4.96 -20.86
C ALA C 170 15.20 -4.69 -21.07
N VAL C 171 15.99 -4.87 -20.02
CA VAL C 171 17.43 -4.66 -20.08
C VAL C 171 18.07 -6.03 -20.26
N VAL C 172 18.79 -6.20 -21.36
CA VAL C 172 19.44 -7.48 -21.63
C VAL C 172 20.95 -7.42 -21.42
N GLY C 173 21.44 -6.34 -20.85
CA GLY C 173 22.87 -6.23 -20.60
C GLY C 173 23.33 -4.83 -20.24
N TYR C 174 24.64 -4.66 -20.10
CA TYR C 174 25.21 -3.36 -19.79
C TYR C 174 26.70 -3.34 -20.15
N GLY C 175 27.24 -2.14 -20.32
CA GLY C 175 28.64 -2.02 -20.67
C GLY C 175 29.12 -0.59 -20.55
N VAL C 176 30.26 -0.31 -21.18
CA VAL C 176 30.83 1.02 -21.16
C VAL C 176 31.21 1.40 -22.58
N ALA C 177 30.72 2.55 -23.04
CA ALA C 177 31.02 3.02 -24.38
C ALA C 177 32.51 3.37 -24.48
N GLU C 178 33.00 3.55 -25.71
CA GLU C 178 34.40 3.88 -25.92
C GLU C 178 34.80 5.17 -25.21
N ASP C 179 33.86 6.10 -25.10
CA ASP C 179 34.13 7.38 -24.44
C ASP C 179 34.05 7.28 -22.93
N GLY C 180 33.95 6.05 -22.42
CA GLY C 180 33.89 5.83 -20.99
C GLY C 180 32.54 5.93 -20.31
N LYS C 181 31.49 6.12 -21.09
CA LYS C 181 30.14 6.25 -20.57
C LYS C 181 29.43 4.91 -20.37
N ALA C 182 28.99 4.63 -19.14
CA ALA C 182 28.30 3.38 -18.83
C ALA C 182 26.89 3.42 -19.44
N TYR C 183 26.34 2.25 -19.76
CA TYR C 183 25.01 2.21 -20.36
C TYR C 183 24.30 0.88 -20.12
N TRP C 184 22.98 0.92 -20.27
CA TRP C 184 22.14 -0.27 -20.12
C TRP C 184 21.71 -0.62 -21.54
N THR C 185 21.76 -1.91 -21.90
CA THR C 185 21.32 -2.32 -23.23
C THR C 185 19.85 -2.67 -23.09
N VAL C 186 19.00 -1.82 -23.64
CA VAL C 186 17.55 -1.99 -23.58
C VAL C 186 16.92 -2.46 -24.87
N LYS C 187 16.17 -3.55 -24.78
CA LYS C 187 15.49 -4.11 -25.93
C LYS C 187 14.13 -3.44 -25.97
N ASN C 188 13.86 -2.69 -27.03
CA ASN C 188 12.57 -2.03 -27.16
C ASN C 188 11.68 -2.89 -28.05
N SER C 189 10.41 -2.54 -28.14
CA SER C 189 9.46 -3.29 -28.97
C SER C 189 8.81 -2.40 -30.02
N TRP C 190 9.61 -1.53 -30.64
CA TRP C 190 9.10 -0.66 -31.69
C TRP C 190 9.67 -1.07 -33.03
N GLY C 191 10.02 -2.35 -33.17
CA GLY C 191 10.58 -2.84 -34.41
C GLY C 191 12.08 -2.66 -34.50
N PRO C 192 12.76 -3.42 -35.35
CA PRO C 192 14.21 -3.35 -35.53
C PRO C 192 14.77 -2.11 -36.23
N SER C 193 13.91 -1.30 -36.85
CA SER C 193 14.40 -0.11 -37.52
C SER C 193 14.56 1.08 -36.58
N TRP C 194 14.05 0.96 -35.36
CA TRP C 194 14.16 2.02 -34.37
C TRP C 194 15.45 1.88 -33.57
N GLY C 195 16.11 3.00 -33.30
CA GLY C 195 17.35 2.98 -32.53
C GLY C 195 18.43 2.12 -33.15
N GLU C 196 19.21 1.44 -32.31
CA GLU C 196 20.28 0.58 -32.79
C GLU C 196 19.72 -0.84 -32.99
N GLN C 197 19.14 -1.07 -34.16
CA GLN C 197 18.54 -2.35 -34.51
C GLN C 197 17.46 -2.75 -33.52
N GLY C 198 16.68 -1.77 -33.06
CA GLY C 198 15.63 -2.04 -32.11
C GLY C 198 16.03 -1.82 -30.67
N TYR C 199 17.32 -1.56 -30.44
CA TYR C 199 17.83 -1.34 -29.09
C TYR C 199 18.24 0.10 -28.81
N ILE C 200 18.27 0.45 -27.53
CA ILE C 200 18.71 1.77 -27.11
C ILE C 200 19.63 1.56 -25.92
N ARG C 201 20.79 2.20 -25.94
CA ARG C 201 21.72 2.10 -24.83
C ARG C 201 21.47 3.33 -23.95
N VAL C 202 20.87 3.10 -22.79
CA VAL C 202 20.54 4.17 -21.85
C VAL C 202 21.68 4.35 -20.85
N GLU C 203 22.15 5.58 -20.70
CA GLU C 203 23.24 5.85 -19.77
C GLU C 203 22.98 5.22 -18.42
N LYS C 204 23.96 4.46 -17.94
CA LYS C 204 23.90 3.78 -16.65
C LYS C 204 24.65 4.56 -15.57
N ASP C 205 24.15 4.46 -14.35
CA ASP C 205 24.77 5.14 -13.21
C ASP C 205 24.91 6.65 -13.46
N SER C 206 23.90 7.24 -14.09
CA SER C 206 23.94 8.67 -14.34
C SER C 206 23.67 9.36 -13.01
N GLY C 207 23.47 10.66 -13.03
CA GLY C 207 23.20 11.35 -11.78
C GLY C 207 21.80 11.15 -11.22
N ALA C 208 20.86 10.80 -12.10
CA ALA C 208 19.47 10.60 -11.71
C ALA C 208 19.24 9.48 -10.69
N SER C 209 18.73 9.86 -9.52
CA SER C 209 18.46 8.96 -8.42
C SER C 209 17.85 7.60 -8.75
N GLY C 210 16.79 7.60 -9.56
CA GLY C 210 16.15 6.35 -9.92
C GLY C 210 16.55 5.83 -11.29
N GLY C 211 17.68 6.33 -11.80
CA GLY C 211 18.16 5.91 -13.11
C GLY C 211 17.62 6.81 -14.20
N LEU C 212 18.35 6.93 -15.31
CA LEU C 212 17.89 7.77 -16.41
C LEU C 212 16.54 7.24 -16.90
N CYS C 213 15.60 8.14 -17.13
CA CYS C 213 14.26 7.78 -17.60
C CYS C 213 13.51 6.94 -16.57
N GLY C 214 14.03 6.88 -15.34
CA GLY C 214 13.41 6.12 -14.28
C GLY C 214 13.55 4.61 -14.46
N ILE C 215 14.57 4.21 -15.22
CA ILE C 215 14.82 2.82 -15.53
C ILE C 215 14.97 1.88 -14.33
N ALA C 216 15.40 2.40 -13.19
CA ALA C 216 15.59 1.56 -12.01
C ALA C 216 14.48 1.74 -10.97
N MET C 217 13.40 2.43 -11.36
CA MET C 217 12.30 2.67 -10.44
C MET C 217 11.34 1.50 -10.22
N GLU C 218 11.06 0.75 -11.28
CA GLU C 218 10.13 -0.38 -11.17
C GLU C 218 10.62 -1.57 -11.97
N ALA C 219 11.77 -2.11 -11.59
CA ALA C 219 12.34 -3.25 -12.28
C ALA C 219 12.01 -4.56 -11.57
N SER C 220 11.80 -5.62 -12.34
CA SER C 220 11.49 -6.93 -11.78
C SER C 220 11.93 -8.01 -12.76
N TYR C 221 12.13 -9.22 -12.25
CA TYR C 221 12.56 -10.34 -13.07
C TYR C 221 11.95 -11.64 -12.56
N PRO C 222 11.79 -12.63 -13.46
CA PRO C 222 11.21 -13.94 -13.10
C PRO C 222 12.22 -14.88 -12.45
N VAL C 223 11.70 -15.78 -11.62
CA VAL C 223 12.53 -16.78 -10.94
C VAL C 223 12.18 -18.15 -11.51
N LYS C 224 13.18 -18.94 -11.86
CA LYS C 224 12.97 -20.27 -12.43
C LYS C 224 14.12 -21.16 -11.97
N THR C 225 13.81 -22.28 -11.31
CA THR C 225 14.87 -23.16 -10.81
C THR C 225 14.91 -24.59 -11.33
N TYR C 226 13.89 -25.38 -10.99
CA TYR C 226 13.76 -26.79 -11.37
C TYR C 226 14.13 -27.75 -10.23
N ASP D 3 -39.06 -46.40 -24.04
CA ASP D 3 -38.14 -46.53 -22.86
C ASP D 3 -37.37 -45.24 -22.60
N LEU D 4 -36.59 -44.83 -23.58
CA LEU D 4 -35.76 -43.64 -23.46
C LEU D 4 -36.46 -42.30 -23.68
N PRO D 5 -36.25 -41.36 -22.74
CA PRO D 5 -36.89 -40.05 -22.91
C PRO D 5 -36.37 -39.45 -24.21
N PRO D 6 -37.20 -38.63 -24.88
CA PRO D 6 -36.79 -38.01 -26.14
C PRO D 6 -35.72 -36.94 -25.98
N SER D 7 -35.56 -36.44 -24.75
CA SER D 7 -34.59 -35.39 -24.49
C SER D 7 -34.03 -35.51 -23.08
N VAL D 8 -32.80 -35.03 -22.87
CA VAL D 8 -32.16 -35.08 -21.56
C VAL D 8 -31.20 -33.90 -21.40
N ASP D 9 -31.25 -33.23 -20.27
CA ASP D 9 -30.37 -32.10 -20.02
C ASP D 9 -30.08 -32.00 -18.51
N TRP D 10 -29.01 -32.65 -18.08
CA TRP D 10 -28.66 -32.63 -16.67
C TRP D 10 -28.36 -31.24 -16.12
N ARG D 11 -28.13 -30.28 -17.00
CA ARG D 11 -27.86 -28.91 -16.57
C ARG D 11 -29.12 -28.35 -15.95
N GLN D 12 -30.25 -28.64 -16.57
CA GLN D 12 -31.56 -28.16 -16.10
C GLN D 12 -31.95 -28.83 -14.80
N LYS D 13 -31.38 -29.99 -14.53
CA LYS D 13 -31.72 -30.73 -13.33
C LYS D 13 -30.77 -30.43 -12.17
N GLY D 14 -29.94 -29.41 -12.34
CA GLY D 14 -29.01 -29.03 -11.29
C GLY D 14 -27.93 -30.05 -10.98
N ALA D 15 -27.50 -30.79 -11.97
CA ALA D 15 -26.47 -31.79 -11.76
C ALA D 15 -25.19 -31.46 -12.51
N VAL D 16 -25.09 -30.23 -13.02
CA VAL D 16 -23.91 -29.81 -13.77
C VAL D 16 -23.39 -28.46 -13.30
N THR D 17 -22.11 -28.41 -12.92
CA THR D 17 -21.53 -27.17 -12.46
C THR D 17 -21.19 -26.27 -13.64
N GLY D 18 -20.56 -25.13 -13.35
CA GLY D 18 -20.20 -24.21 -14.42
C GLY D 18 -19.08 -24.70 -15.31
N VAL D 19 -18.98 -24.11 -16.50
CA VAL D 19 -17.95 -24.46 -17.46
C VAL D 19 -16.59 -23.96 -16.99
N LYS D 20 -15.56 -24.78 -17.12
CA LYS D 20 -14.21 -24.42 -16.71
C LYS D 20 -13.28 -24.27 -17.91
N ASP D 21 -12.07 -23.78 -17.64
CA ASP D 21 -11.06 -23.62 -18.66
C ASP D 21 -9.82 -24.33 -18.13
N GLN D 22 -9.46 -25.45 -18.75
CA GLN D 22 -8.30 -26.20 -18.31
C GLN D 22 -6.99 -25.48 -18.61
N GLY D 23 -7.04 -24.49 -19.50
CA GLY D 23 -5.85 -23.73 -19.83
C GLY D 23 -4.87 -24.57 -20.65
N LYS D 24 -3.58 -24.26 -20.55
CA LYS D 24 -2.56 -24.98 -21.31
C LYS D 24 -2.28 -26.41 -20.84
N CYS D 25 -2.68 -26.72 -19.62
CA CYS D 25 -2.48 -28.05 -19.06
C CYS D 25 -3.32 -29.09 -19.81
N GLY D 26 -2.70 -30.19 -20.25
CA GLY D 26 -3.42 -31.23 -20.95
C GLY D 26 -4.17 -32.11 -19.95
N SER D 27 -5.00 -31.47 -19.14
CA SER D 27 -5.77 -32.15 -18.11
C SER D 27 -7.23 -32.39 -18.43
N CYS D 28 -7.57 -32.47 -19.71
CA CYS D 28 -8.95 -32.71 -20.12
C CYS D 28 -9.52 -33.95 -19.45
N TRP D 29 -8.70 -34.99 -19.31
CA TRP D 29 -9.13 -36.24 -18.69
C TRP D 29 -9.63 -36.01 -17.27
N ALA D 30 -8.97 -35.12 -16.54
CA ALA D 30 -9.37 -34.83 -15.18
C ALA D 30 -10.69 -34.05 -15.15
N PHE D 31 -10.84 -33.09 -16.07
CA PHE D 31 -12.08 -32.33 -16.12
C PHE D 31 -13.27 -33.21 -16.53
N SER D 32 -13.05 -34.11 -17.48
CA SER D 32 -14.12 -35.01 -17.92
C SER D 32 -14.57 -35.86 -16.74
N THR D 33 -13.60 -36.42 -16.02
CA THR D 33 -13.87 -37.27 -14.86
C THR D 33 -14.70 -36.51 -13.83
N VAL D 34 -14.28 -35.28 -13.51
CA VAL D 34 -15.00 -34.46 -12.54
C VAL D 34 -16.44 -34.16 -12.94
N VAL D 35 -16.68 -33.87 -14.21
CA VAL D 35 -18.05 -33.59 -14.63
C VAL D 35 -18.93 -34.78 -14.27
N SER D 36 -18.48 -35.97 -14.63
CA SER D 36 -19.22 -37.20 -14.34
C SER D 36 -19.42 -37.46 -12.85
N VAL D 37 -18.39 -37.23 -12.04
CA VAL D 37 -18.50 -37.47 -10.62
C VAL D 37 -19.38 -36.40 -9.97
N GLU D 38 -19.23 -35.14 -10.37
CA GLU D 38 -20.06 -34.09 -9.81
C GLU D 38 -21.52 -34.43 -10.15
N GLY D 39 -21.72 -34.97 -11.34
CA GLY D 39 -23.05 -35.32 -11.79
C GLY D 39 -23.75 -36.41 -11.01
N ILE D 40 -23.10 -37.55 -10.84
CA ILE D 40 -23.70 -38.66 -10.11
C ILE D 40 -23.86 -38.34 -8.63
N ASN D 41 -22.99 -37.49 -8.09
CA ASN D 41 -23.09 -37.12 -6.68
C ASN D 41 -24.30 -36.23 -6.48
N ALA D 42 -24.56 -35.35 -7.45
CA ALA D 42 -25.72 -34.46 -7.37
C ALA D 42 -27.00 -35.28 -7.51
N ILE D 43 -26.99 -36.24 -8.43
CA ILE D 43 -28.16 -37.08 -8.66
C ILE D 43 -28.48 -37.97 -7.46
N ARG D 44 -27.45 -38.49 -6.80
CA ARG D 44 -27.64 -39.37 -5.65
C ARG D 44 -27.90 -38.65 -4.33
N THR D 45 -27.37 -37.43 -4.18
CA THR D 45 -27.54 -36.71 -2.92
C THR D 45 -28.40 -35.45 -3.02
N GLY D 46 -28.56 -34.93 -4.24
CA GLY D 46 -29.34 -33.72 -4.43
C GLY D 46 -28.53 -32.48 -4.17
N SER D 47 -27.25 -32.67 -3.89
CA SER D 47 -26.33 -31.57 -3.60
C SER D 47 -25.27 -31.44 -4.70
N LEU D 48 -25.25 -30.30 -5.39
CA LEU D 48 -24.27 -30.08 -6.46
C LEU D 48 -22.99 -29.47 -5.88
N VAL D 49 -21.92 -30.27 -5.90
CA VAL D 49 -20.63 -29.83 -5.35
C VAL D 49 -19.53 -29.82 -6.42
N SER D 50 -18.76 -28.74 -6.45
CA SER D 50 -17.67 -28.62 -7.41
C SER D 50 -16.46 -29.39 -6.87
N LEU D 51 -15.94 -30.32 -7.66
CA LEU D 51 -14.82 -31.13 -7.22
C LEU D 51 -13.46 -30.72 -7.78
N SER D 52 -12.42 -31.29 -7.19
CA SER D 52 -11.03 -30.96 -7.54
C SER D 52 -10.34 -31.72 -8.68
N GLU D 53 -10.23 -31.09 -9.85
CA GLU D 53 -9.52 -31.76 -10.93
C GLU D 53 -8.02 -31.73 -10.60
N GLN D 54 -7.62 -30.79 -9.75
CA GLN D 54 -6.22 -30.66 -9.36
C GLN D 54 -5.76 -31.90 -8.58
N GLU D 55 -6.64 -32.45 -7.75
CA GLU D 55 -6.26 -33.64 -6.98
C GLU D 55 -5.91 -34.78 -7.93
N LEU D 56 -6.70 -34.95 -8.99
CA LEU D 56 -6.45 -36.01 -9.94
C LEU D 56 -5.11 -35.79 -10.62
N ILE D 57 -4.83 -34.55 -11.00
CA ILE D 57 -3.57 -34.22 -11.68
C ILE D 57 -2.35 -34.50 -10.80
N ASP D 58 -2.39 -34.07 -9.55
CA ASP D 58 -1.28 -34.29 -8.63
C ASP D 58 -1.17 -35.68 -8.01
N CYS D 59 -2.31 -36.26 -7.66
CA CYS D 59 -2.35 -37.55 -6.97
C CYS D 59 -2.60 -38.82 -7.79
N ASP D 60 -3.34 -38.72 -8.89
CA ASP D 60 -3.59 -39.90 -9.72
C ASP D 60 -2.46 -40.01 -10.73
N THR D 61 -1.33 -40.54 -10.28
CA THR D 61 -0.15 -40.66 -11.12
C THR D 61 0.34 -42.06 -11.46
N ALA D 62 -0.39 -43.09 -11.06
CA ALA D 62 0.01 -44.46 -11.36
C ALA D 62 0.11 -44.71 -12.86
N ASP D 63 -0.90 -44.28 -13.60
CA ASP D 63 -0.93 -44.47 -15.04
C ASP D 63 -1.19 -43.16 -15.77
N ASN D 64 -1.97 -42.27 -15.15
CA ASN D 64 -2.24 -40.98 -15.76
C ASN D 64 -1.00 -40.12 -15.59
N ASP D 65 -0.80 -39.18 -16.50
CA ASP D 65 0.40 -38.36 -16.47
C ASP D 65 0.18 -36.84 -16.39
N GLY D 66 -0.54 -36.40 -15.36
CA GLY D 66 -0.79 -34.98 -15.16
C GLY D 66 -1.14 -34.15 -16.39
N CYS D 67 -0.40 -33.06 -16.58
CA CYS D 67 -0.62 -32.13 -17.69
C CYS D 67 -0.27 -32.69 -19.05
N GLN D 68 0.36 -33.86 -19.07
CA GLN D 68 0.72 -34.47 -20.34
C GLN D 68 -0.32 -35.47 -20.84
N GLY D 69 -1.41 -35.63 -20.09
CA GLY D 69 -2.45 -36.55 -20.52
C GLY D 69 -2.90 -37.59 -19.49
N GLY D 70 -4.01 -38.25 -19.80
CA GLY D 70 -4.54 -39.26 -18.91
C GLY D 70 -5.80 -39.89 -19.45
N LEU D 71 -6.40 -40.75 -18.64
CA LEU D 71 -7.62 -41.46 -19.03
C LEU D 71 -8.65 -41.36 -17.91
N MET D 72 -9.91 -41.12 -18.27
CA MET D 72 -10.97 -41.01 -17.28
C MET D 72 -11.19 -42.30 -16.50
N ASP D 73 -11.10 -43.45 -17.16
CA ASP D 73 -11.32 -44.70 -16.44
C ASP D 73 -10.23 -44.92 -15.38
N ASN D 74 -9.01 -44.48 -15.66
CA ASN D 74 -7.94 -44.61 -14.68
C ASN D 74 -8.24 -43.70 -13.49
N ALA D 75 -8.82 -42.54 -13.77
CA ALA D 75 -9.18 -41.57 -12.73
C ALA D 75 -10.30 -42.09 -11.83
N PHE D 76 -11.30 -42.74 -12.43
CA PHE D 76 -12.40 -43.28 -11.64
C PHE D 76 -11.85 -44.31 -10.65
N GLU D 77 -10.91 -45.11 -11.11
CA GLU D 77 -10.29 -46.13 -10.29
C GLU D 77 -9.58 -45.46 -9.10
N TYR D 78 -8.88 -44.36 -9.37
CA TYR D 78 -8.18 -43.64 -8.32
C TYR D 78 -9.16 -43.15 -7.26
N ILE D 79 -10.25 -42.54 -7.72
CA ILE D 79 -11.25 -42.02 -6.81
C ILE D 79 -11.85 -43.14 -5.96
N LYS D 80 -12.12 -44.28 -6.60
CA LYS D 80 -12.68 -45.42 -5.89
C LYS D 80 -11.74 -45.94 -4.82
N ASN D 81 -10.46 -46.06 -5.14
CA ASN D 81 -9.49 -46.60 -4.21
C ASN D 81 -8.77 -45.63 -3.28
N ASN D 82 -8.99 -44.33 -3.45
CA ASN D 82 -8.30 -43.38 -2.58
C ASN D 82 -9.18 -42.45 -1.75
N GLY D 83 -10.32 -42.98 -1.29
CA GLY D 83 -11.20 -42.19 -0.45
C GLY D 83 -11.98 -41.05 -1.08
N GLY D 84 -12.33 -41.19 -2.36
CA GLY D 84 -13.12 -40.16 -3.02
C GLY D 84 -12.35 -39.00 -3.61
N LEU D 85 -13.08 -37.94 -3.96
CA LEU D 85 -12.48 -36.74 -4.55
C LEU D 85 -12.80 -35.56 -3.65
N ILE D 86 -11.80 -34.72 -3.40
CA ILE D 86 -11.98 -33.55 -2.53
C ILE D 86 -12.64 -32.42 -3.32
N THR D 87 -13.16 -31.42 -2.61
CA THR D 87 -13.81 -30.30 -3.28
C THR D 87 -12.81 -29.34 -3.93
N GLU D 88 -13.30 -28.60 -4.92
CA GLU D 88 -12.50 -27.62 -5.63
C GLU D 88 -11.93 -26.60 -4.64
N ALA D 89 -12.80 -26.08 -3.78
CA ALA D 89 -12.42 -25.08 -2.78
C ALA D 89 -11.24 -25.53 -1.94
N ALA D 90 -11.22 -26.81 -1.56
CA ALA D 90 -10.16 -27.34 -0.74
C ALA D 90 -8.86 -27.55 -1.49
N TYR D 91 -8.95 -27.81 -2.80
CA TYR D 91 -7.77 -28.07 -3.61
C TYR D 91 -7.98 -27.48 -5.01
N PRO D 92 -7.96 -26.13 -5.13
CA PRO D 92 -8.16 -25.37 -6.36
C PRO D 92 -7.22 -25.68 -7.53
N TYR D 93 -7.75 -25.51 -8.74
CA TYR D 93 -7.00 -25.78 -9.96
C TYR D 93 -5.85 -24.81 -10.18
N ARG D 94 -4.68 -25.34 -10.52
CA ARG D 94 -3.48 -24.53 -10.77
C ARG D 94 -3.01 -24.61 -12.21
N ALA D 95 -3.60 -25.52 -12.99
CA ALA D 95 -3.23 -25.68 -14.38
C ALA D 95 -1.78 -26.12 -14.54
N ALA D 96 -1.27 -26.80 -13.53
CA ALA D 96 0.10 -27.32 -13.56
C ALA D 96 0.17 -28.38 -12.50
N ARG D 97 0.99 -29.40 -12.72
CA ARG D 97 1.07 -30.45 -11.72
C ARG D 97 2.07 -30.13 -10.62
N GLY D 98 1.64 -30.38 -9.39
CA GLY D 98 2.51 -30.15 -8.27
C GLY D 98 2.63 -31.49 -7.58
N THR D 99 2.95 -31.45 -6.29
CA THR D 99 3.07 -32.67 -5.52
C THR D 99 1.69 -32.94 -4.93
N CYS D 100 1.37 -34.21 -4.71
CA CYS D 100 0.08 -34.54 -4.13
C CYS D 100 0.04 -34.00 -2.71
N ASN D 101 -0.73 -32.93 -2.51
CA ASN D 101 -0.84 -32.29 -1.20
C ASN D 101 -2.23 -32.40 -0.62
N VAL D 102 -2.92 -33.48 -0.97
CA VAL D 102 -4.29 -33.68 -0.51
C VAL D 102 -4.36 -33.94 0.99
N ALA D 103 -3.34 -34.60 1.54
CA ALA D 103 -3.33 -34.88 2.97
C ALA D 103 -3.55 -33.61 3.78
N ARG D 104 -2.74 -32.58 3.52
CA ARG D 104 -2.85 -31.32 4.24
C ARG D 104 -4.07 -30.51 3.80
N ALA D 105 -4.48 -30.70 2.55
CA ALA D 105 -5.61 -29.96 2.00
C ALA D 105 -6.95 -30.33 2.64
N ALA D 106 -6.97 -31.40 3.42
CA ALA D 106 -8.21 -31.85 4.04
C ALA D 106 -8.42 -31.58 5.53
N GLN D 107 -7.47 -30.97 6.21
CA GLN D 107 -7.70 -30.77 7.63
C GLN D 107 -8.71 -29.65 7.89
N ASN D 108 -8.66 -28.57 7.11
CA ASN D 108 -9.58 -27.46 7.35
C ASN D 108 -10.96 -27.78 6.87
N SER D 109 -11.21 -29.07 7.04
CA SER D 109 -12.46 -29.73 6.82
C SER D 109 -12.87 -30.77 5.80
N PRO D 110 -13.93 -31.46 6.18
CA PRO D 110 -14.49 -32.54 5.40
C PRO D 110 -15.54 -32.36 4.32
N VAL D 111 -15.19 -32.82 3.13
CA VAL D 111 -16.11 -32.89 2.00
C VAL D 111 -15.46 -33.59 0.83
N VAL D 112 -15.66 -34.91 0.82
CA VAL D 112 -15.12 -35.73 -0.23
C VAL D 112 -16.23 -36.60 -0.77
N VAL D 113 -16.30 -36.68 -2.10
CA VAL D 113 -17.32 -37.47 -2.75
C VAL D 113 -16.75 -38.84 -3.08
N HIS D 114 -17.49 -39.88 -2.71
CA HIS D 114 -17.06 -41.25 -2.98
C HIS D 114 -17.84 -41.87 -4.14
N ILE D 115 -17.23 -42.84 -4.79
CA ILE D 115 -17.89 -43.58 -5.87
C ILE D 115 -17.56 -45.06 -5.64
N ASP D 116 -18.45 -45.94 -6.07
CA ASP D 116 -18.26 -47.38 -5.90
C ASP D 116 -17.35 -47.95 -6.98
N GLY D 117 -17.24 -47.23 -8.09
CA GLY D 117 -16.41 -47.68 -9.19
C GLY D 117 -16.92 -47.04 -10.46
N HIS D 118 -16.69 -47.69 -11.60
CA HIS D 118 -17.15 -47.16 -12.87
C HIS D 118 -17.54 -48.26 -13.84
N GLN D 119 -18.27 -47.88 -14.89
CA GLN D 119 -18.75 -48.80 -15.90
C GLN D 119 -18.43 -48.24 -17.27
N ASP D 120 -17.96 -49.10 -18.18
CA ASP D 120 -17.66 -48.69 -19.54
C ASP D 120 -18.87 -48.91 -20.42
N VAL D 121 -19.14 -47.94 -21.30
CA VAL D 121 -20.26 -48.07 -22.22
C VAL D 121 -19.70 -48.98 -23.31
N PRO D 122 -20.44 -50.01 -23.72
CA PRO D 122 -19.94 -50.91 -24.77
C PRO D 122 -19.39 -50.11 -25.95
N ALA D 123 -18.17 -50.44 -26.34
CA ALA D 123 -17.48 -49.75 -27.43
C ALA D 123 -18.32 -49.50 -28.69
N ASN D 124 -18.28 -48.25 -29.15
CA ASN D 124 -18.97 -47.80 -30.36
C ASN D 124 -20.49 -47.82 -30.33
N SER D 125 -21.10 -48.00 -29.17
CA SER D 125 -22.56 -48.05 -29.12
C SER D 125 -23.24 -46.74 -28.71
N GLU D 126 -23.65 -45.93 -29.69
CA GLU D 126 -24.33 -44.67 -29.38
C GLU D 126 -25.64 -44.99 -28.68
N GLU D 127 -26.17 -46.17 -28.97
CA GLU D 127 -27.41 -46.61 -28.38
C GLU D 127 -27.21 -46.79 -26.88
N ASP D 128 -26.15 -47.50 -26.50
CA ASP D 128 -25.87 -47.71 -25.08
C ASP D 128 -25.48 -46.38 -24.43
N LEU D 129 -24.82 -45.51 -25.19
CA LEU D 129 -24.41 -44.22 -24.66
C LEU D 129 -25.66 -43.40 -24.30
N ALA D 130 -26.67 -43.46 -25.17
CA ALA D 130 -27.90 -42.71 -24.94
C ALA D 130 -28.57 -43.12 -23.63
N ARG D 131 -28.63 -44.42 -23.36
CA ARG D 131 -29.24 -44.94 -22.15
C ARG D 131 -28.44 -44.59 -20.91
N ALA D 132 -27.13 -44.52 -21.05
CA ALA D 132 -26.27 -44.17 -19.94
C ALA D 132 -26.49 -42.69 -19.63
N VAL D 133 -26.56 -41.87 -20.68
CA VAL D 133 -26.77 -40.44 -20.53
C VAL D 133 -28.11 -40.13 -19.90
N ALA D 134 -29.12 -40.95 -20.22
CA ALA D 134 -30.45 -40.76 -19.68
C ALA D 134 -30.43 -40.88 -18.15
N ASN D 135 -29.43 -41.59 -17.62
CA ASN D 135 -29.32 -41.77 -16.18
C ASN D 135 -28.32 -40.85 -15.50
N GLN D 136 -27.32 -40.40 -16.23
CA GLN D 136 -26.29 -39.52 -15.65
C GLN D 136 -25.32 -38.99 -16.70
N PRO D 137 -24.54 -37.95 -16.34
CA PRO D 137 -23.58 -37.43 -17.31
C PRO D 137 -22.57 -38.54 -17.57
N VAL D 138 -22.00 -38.58 -18.76
CA VAL D 138 -21.05 -39.64 -19.09
C VAL D 138 -19.76 -39.06 -19.67
N SER D 139 -18.62 -39.62 -19.26
CA SER D 139 -17.32 -39.16 -19.76
C SER D 139 -17.04 -39.82 -21.09
N VAL D 140 -16.57 -39.04 -22.06
CA VAL D 140 -16.28 -39.57 -23.38
C VAL D 140 -15.00 -38.99 -23.95
N ALA D 141 -14.44 -39.70 -24.93
CA ALA D 141 -13.23 -39.24 -25.61
C ALA D 141 -13.64 -38.89 -27.03
N VAL D 142 -13.03 -37.84 -27.58
CA VAL D 142 -13.33 -37.42 -28.93
C VAL D 142 -12.08 -36.87 -29.58
N GLU D 143 -12.15 -36.67 -30.90
CA GLU D 143 -11.05 -36.06 -31.64
C GLU D 143 -11.42 -34.58 -31.68
N ALA D 144 -10.65 -33.75 -30.98
CA ALA D 144 -10.94 -32.33 -30.91
C ALA D 144 -9.89 -31.47 -31.60
N SER D 145 -8.88 -32.10 -32.17
CA SER D 145 -7.81 -31.37 -32.84
C SER D 145 -8.12 -30.86 -34.24
N GLY D 146 -9.22 -31.32 -34.83
CA GLY D 146 -9.57 -30.88 -36.16
C GLY D 146 -10.01 -29.43 -36.22
N LYS D 147 -9.77 -28.78 -37.34
CA LYS D 147 -10.14 -27.38 -37.53
C LYS D 147 -11.64 -27.13 -37.24
N ALA D 148 -12.49 -27.96 -37.85
CA ALA D 148 -13.93 -27.81 -37.69
C ALA D 148 -14.36 -27.81 -36.22
N PHE D 149 -13.91 -28.79 -35.46
CA PHE D 149 -14.25 -28.89 -34.05
C PHE D 149 -13.68 -27.70 -33.28
N MET D 150 -12.40 -27.46 -33.49
CA MET D 150 -11.68 -26.40 -32.82
C MET D 150 -12.32 -25.02 -32.95
N PHE D 151 -12.89 -24.72 -34.12
CA PHE D 151 -13.51 -23.41 -34.30
C PHE D 151 -15.04 -23.42 -34.32
N TYR D 152 -15.62 -24.49 -33.80
CA TYR D 152 -17.08 -24.61 -33.72
C TYR D 152 -17.58 -23.44 -32.86
N SER D 153 -18.71 -22.85 -33.22
CA SER D 153 -19.25 -21.75 -32.44
C SER D 153 -20.72 -21.92 -32.07
N GLU D 154 -21.51 -22.51 -32.95
CA GLU D 154 -22.93 -22.71 -32.68
C GLU D 154 -23.61 -23.75 -33.59
N GLY D 155 -24.76 -24.23 -33.15
CA GLY D 155 -25.52 -25.21 -33.93
C GLY D 155 -25.14 -26.66 -33.62
N VAL D 156 -25.68 -27.59 -34.40
CA VAL D 156 -25.37 -29.00 -34.21
C VAL D 156 -24.16 -29.31 -35.08
N PHE D 157 -23.04 -29.60 -34.43
CA PHE D 157 -21.81 -29.92 -35.15
C PHE D 157 -21.98 -31.21 -35.92
N THR D 158 -21.87 -31.14 -37.25
CA THR D 158 -22.03 -32.31 -38.09
C THR D 158 -20.71 -32.88 -38.61
N GLY D 159 -19.60 -32.20 -38.32
CA GLY D 159 -18.29 -32.64 -38.78
C GLY D 159 -17.60 -31.40 -39.32
N GLU D 160 -16.43 -31.47 -39.94
CA GLU D 160 -15.63 -32.67 -40.24
C GLU D 160 -14.66 -33.09 -39.13
N CYS D 161 -14.61 -34.38 -38.83
CA CYS D 161 -13.68 -34.89 -37.82
C CYS D 161 -13.51 -36.40 -37.93
N GLY D 162 -12.32 -36.87 -37.55
CA GLY D 162 -12.04 -38.29 -37.63
C GLY D 162 -12.18 -38.95 -36.26
N THR D 163 -11.34 -39.96 -36.01
CA THR D 163 -11.38 -40.68 -34.76
C THR D 163 -10.03 -40.78 -34.06
N GLU D 164 -9.19 -39.76 -34.24
CA GLU D 164 -7.89 -39.75 -33.58
C GLU D 164 -8.15 -39.13 -32.21
N LEU D 165 -8.70 -39.95 -31.31
CA LEU D 165 -9.06 -39.51 -29.95
C LEU D 165 -7.89 -38.86 -29.23
N ASP D 166 -8.11 -37.63 -28.76
CA ASP D 166 -7.06 -36.89 -28.08
C ASP D 166 -7.62 -35.95 -27.03
N HIS D 167 -8.92 -35.98 -26.83
CA HIS D 167 -9.53 -35.05 -25.88
C HIS D 167 -10.67 -35.70 -25.09
N GLY D 168 -10.64 -35.51 -23.77
CA GLY D 168 -11.68 -36.08 -22.93
C GLY D 168 -12.67 -35.01 -22.51
N VAL D 169 -13.95 -35.28 -22.74
CA VAL D 169 -15.00 -34.35 -22.34
C VAL D 169 -16.15 -35.13 -21.73
N ALA D 170 -17.30 -34.49 -21.54
CA ALA D 170 -18.43 -35.19 -20.95
C ALA D 170 -19.77 -34.83 -21.60
N VAL D 171 -20.62 -35.83 -21.73
CA VAL D 171 -21.95 -35.62 -22.32
C VAL D 171 -22.92 -35.45 -21.16
N VAL D 172 -23.58 -34.30 -21.10
CA VAL D 172 -24.53 -34.04 -20.02
C VAL D 172 -25.98 -34.09 -20.49
N GLY D 173 -26.21 -34.56 -21.71
CA GLY D 173 -27.56 -34.66 -22.22
C GLY D 173 -27.64 -34.88 -23.72
N TYR D 174 -28.86 -34.90 -24.25
CA TYR D 174 -29.07 -35.08 -25.68
C TYR D 174 -30.46 -34.59 -26.06
N GLY D 175 -30.65 -34.31 -27.35
CA GLY D 175 -31.93 -33.83 -27.82
C GLY D 175 -32.00 -33.81 -29.33
N VAL D 176 -32.97 -33.06 -29.85
CA VAL D 176 -33.16 -32.95 -31.28
C VAL D 176 -33.30 -31.48 -31.63
N ALA D 177 -32.49 -31.02 -32.59
CA ALA D 177 -32.55 -29.63 -33.01
C ALA D 177 -33.87 -29.37 -33.71
N GLU D 178 -34.21 -28.10 -33.93
CA GLU D 178 -35.47 -27.80 -34.60
C GLU D 178 -35.52 -28.35 -36.01
N ASP D 179 -34.37 -28.49 -36.66
CA ASP D 179 -34.34 -29.01 -38.02
C ASP D 179 -34.38 -30.54 -38.01
N GLY D 180 -34.66 -31.12 -36.85
CA GLY D 180 -34.77 -32.57 -36.74
C GLY D 180 -33.50 -33.37 -36.53
N LYS D 181 -32.37 -32.67 -36.37
CA LYS D 181 -31.10 -33.33 -36.17
C LYS D 181 -30.79 -33.66 -34.70
N ALA D 182 -30.56 -34.94 -34.40
CA ALA D 182 -30.24 -35.37 -33.04
C ALA D 182 -28.84 -34.90 -32.66
N TYR D 183 -28.61 -34.69 -31.37
CA TYR D 183 -27.30 -34.23 -30.92
C TYR D 183 -27.00 -34.61 -29.48
N TRP D 184 -25.72 -34.57 -29.14
CA TRP D 184 -25.25 -34.86 -27.80
C TRP D 184 -24.84 -33.52 -27.22
N THR D 185 -25.22 -33.25 -25.97
CA THR D 185 -24.82 -31.99 -25.35
C THR D 185 -23.51 -32.27 -24.62
N VAL D 186 -22.42 -31.75 -25.17
CA VAL D 186 -21.09 -31.97 -24.61
C VAL D 186 -20.53 -30.76 -23.88
N LYS D 187 -20.11 -30.97 -22.65
CA LYS D 187 -19.52 -29.92 -21.85
C LYS D 187 -18.02 -29.97 -22.10
N ASN D 188 -17.46 -28.91 -22.69
CA ASN D 188 -16.04 -28.86 -22.96
C ASN D 188 -15.37 -28.10 -21.82
N SER D 189 -14.03 -28.11 -21.79
CA SER D 189 -13.31 -27.41 -20.74
C SER D 189 -12.34 -26.38 -21.33
N TRP D 190 -12.81 -25.65 -22.32
CA TRP D 190 -11.99 -24.61 -22.96
C TRP D 190 -12.56 -23.24 -22.61
N GLY D 191 -13.23 -23.15 -21.47
CA GLY D 191 -13.80 -21.88 -21.05
C GLY D 191 -15.20 -21.65 -21.63
N PRO D 192 -15.99 -20.76 -21.03
CA PRO D 192 -17.36 -20.44 -21.45
C PRO D 192 -17.50 -19.63 -22.74
N SER D 193 -16.40 -19.06 -23.23
CA SER D 193 -16.48 -18.27 -24.46
C SER D 193 -16.38 -19.14 -25.72
N TRP D 194 -16.02 -20.41 -25.55
CA TRP D 194 -15.91 -21.33 -26.68
C TRP D 194 -17.25 -22.01 -26.97
N GLY D 195 -17.59 -22.16 -28.25
CA GLY D 195 -18.83 -22.80 -28.63
C GLY D 195 -20.07 -22.13 -28.05
N GLU D 196 -21.07 -22.93 -27.66
CA GLU D 196 -22.29 -22.39 -27.09
C GLU D 196 -22.13 -22.34 -25.57
N GLN D 197 -21.56 -21.23 -25.10
CA GLN D 197 -21.31 -21.01 -23.68
C GLN D 197 -20.46 -22.12 -23.08
N GLY D 198 -19.49 -22.60 -23.85
CA GLY D 198 -18.60 -23.65 -23.38
C GLY D 198 -19.04 -25.04 -23.81
N TYR D 199 -20.22 -25.14 -24.42
CA TYR D 199 -20.77 -26.41 -24.88
C TYR D 199 -20.77 -26.58 -26.39
N ILE D 200 -20.81 -27.83 -26.83
CA ILE D 200 -20.89 -28.12 -28.26
C ILE D 200 -21.90 -29.24 -28.41
N ARG D 201 -22.84 -29.07 -29.33
CA ARG D 201 -23.84 -30.09 -29.59
C ARG D 201 -23.33 -30.92 -30.77
N VAL D 202 -22.89 -32.13 -30.48
CA VAL D 202 -22.36 -33.04 -31.47
C VAL D 202 -23.47 -33.91 -32.03
N GLU D 203 -23.60 -33.96 -33.35
CA GLU D 203 -24.63 -34.76 -33.98
C GLU D 203 -24.67 -36.18 -33.42
N LYS D 204 -25.86 -36.61 -33.00
CA LYS D 204 -26.08 -37.93 -32.43
C LYS D 204 -26.65 -38.87 -33.46
N ASP D 205 -26.31 -40.16 -33.34
CA ASP D 205 -26.79 -41.18 -34.25
C ASP D 205 -26.50 -40.84 -35.71
N SER D 206 -25.33 -40.28 -35.96
CA SER D 206 -24.94 -39.93 -37.31
C SER D 206 -24.59 -41.24 -38.01
N GLY D 207 -24.03 -41.16 -39.21
CA GLY D 207 -23.69 -42.40 -39.91
C GLY D 207 -22.44 -43.09 -39.37
N ALA D 208 -21.57 -42.33 -38.71
CA ALA D 208 -20.32 -42.86 -38.16
C ALA D 208 -20.50 -43.96 -37.13
N SER D 209 -19.99 -45.14 -37.44
CA SER D 209 -20.11 -46.30 -36.57
C SER D 209 -19.81 -46.12 -35.10
N GLY D 210 -18.75 -45.40 -34.76
CA GLY D 210 -18.45 -45.19 -33.35
C GLY D 210 -18.87 -43.82 -32.85
N GLY D 211 -19.77 -43.18 -33.59
CA GLY D 211 -20.25 -41.86 -33.22
C GLY D 211 -19.40 -40.77 -33.84
N LEU D 212 -19.98 -39.60 -34.07
CA LEU D 212 -19.24 -38.49 -34.64
C LEU D 212 -18.04 -38.16 -33.74
N CYS D 213 -16.88 -37.97 -34.34
CA CYS D 213 -15.66 -37.65 -33.59
C CYS D 213 -15.25 -38.80 -32.67
N GLY D 214 -15.86 -39.97 -32.86
CA GLY D 214 -15.55 -41.12 -32.04
C GLY D 214 -16.09 -41.00 -30.62
N ILE D 215 -17.13 -40.18 -30.46
CA ILE D 215 -17.73 -39.94 -29.15
C ILE D 215 -18.22 -41.17 -28.38
N ALA D 216 -18.56 -42.24 -29.09
CA ALA D 216 -19.05 -43.45 -28.41
C ALA D 216 -18.02 -44.57 -28.37
N MET D 217 -16.77 -44.24 -28.71
CA MET D 217 -15.72 -45.26 -28.73
C MET D 217 -15.12 -45.63 -27.38
N GLU D 218 -14.99 -44.65 -26.49
CA GLU D 218 -14.42 -44.90 -25.18
C GLU D 218 -15.14 -44.12 -24.08
N ALA D 219 -16.43 -44.41 -23.91
CA ALA D 219 -17.24 -43.73 -22.91
C ALA D 219 -17.34 -44.56 -21.63
N SER D 220 -17.36 -43.87 -20.50
CA SER D 220 -17.48 -44.54 -19.21
C SER D 220 -18.14 -43.59 -18.22
N TYR D 221 -18.68 -44.14 -17.14
CA TYR D 221 -19.34 -43.36 -16.11
C TYR D 221 -19.15 -43.99 -14.74
N PRO D 222 -19.21 -43.18 -13.68
CA PRO D 222 -19.05 -43.67 -12.30
C PRO D 222 -20.32 -44.27 -11.72
N VAL D 223 -20.14 -45.18 -10.78
CA VAL D 223 -21.26 -45.84 -10.11
C VAL D 223 -21.24 -45.39 -8.65
N LYS D 224 -22.40 -44.98 -8.13
CA LYS D 224 -22.51 -44.51 -6.75
C LYS D 224 -23.88 -44.93 -6.20
N THR D 225 -23.86 -45.62 -5.06
CA THR D 225 -25.11 -46.13 -4.45
C THR D 225 -25.39 -45.91 -2.95
N TYR D 226 -24.37 -45.96 -2.11
CA TYR D 226 -24.56 -45.80 -0.65
C TYR D 226 -25.04 -47.11 0.01
C ACE E 1 24.38 10.68 -0.41
O ACE E 1 24.92 9.79 -1.04
CH3 ACE E 1 22.83 10.82 -0.50
N LEU E 2 25.12 11.51 0.32
CA LEU E 2 24.74 12.70 1.12
C LEU E 2 24.01 13.77 0.28
N LEU E 3 23.37 14.47 1.21
CA LEU E 3 22.80 15.64 0.57
C LEU E 3 23.49 16.87 1.14
N AR7 E 4 23.16 18.07 0.63
CA AR7 E 4 23.69 19.34 1.13
C AR7 E 4 22.60 20.38 1.36
O AR7 E 4 22.86 21.46 1.87
CB AR7 E 4 24.72 19.90 0.14
CG AR7 E 4 26.03 19.09 0.09
CD AR7 E 4 26.94 19.61 -1.02
NE AR7 E 4 27.24 21.03 -0.84
CZ AR7 E 4 28.15 21.51 0.00
NH1 AR7 E 4 28.34 22.83 0.10
NH2 AR7 E 4 28.88 20.68 0.73
C ACE F 1 -20.21 31.51 38.19
O ACE F 1 -20.86 32.34 38.82
CH3 ACE F 1 -18.68 31.41 38.50
N LEU F 2 -20.75 30.87 37.16
CA LEU F 2 -20.06 29.93 36.31
C LEU F 2 -18.94 30.59 35.57
N LEU F 3 -18.11 29.77 34.92
CA LEU F 3 -17.06 30.16 33.99
C LEU F 3 -17.46 29.72 32.58
N AR7 F 4 -16.88 30.25 31.52
CA AR7 F 4 -17.18 29.89 30.14
C AR7 F 4 -15.89 29.62 29.39
O AR7 F 4 -15.91 29.18 28.24
CB AR7 F 4 -17.96 31.03 29.46
CG AR7 F 4 -19.32 31.30 30.08
CD AR7 F 4 -19.99 32.53 29.46
NE AR7 F 4 -19.96 32.50 27.99
CZ AR7 F 4 -20.57 31.59 27.24
NH1 AR7 F 4 -20.50 31.63 25.92
NH2 AR7 F 4 -21.27 30.60 27.82
C ACE G 1 -0.19 2.45 -14.14
O ACE G 1 -0.76 3.31 -13.46
CH3 ACE G 1 1.15 1.86 -13.55
N LEU G 2 -0.71 2.00 -15.27
CA LEU G 2 -0.20 1.03 -16.22
C LEU G 2 0.78 1.64 -17.24
N LEU G 3 1.48 0.69 -17.85
CA LEU G 3 2.50 0.89 -18.88
C LEU G 3 1.94 0.39 -20.21
N AR7 G 4 2.14 1.08 -21.32
CA AR7 G 4 1.78 0.74 -22.69
C AR7 G 4 3.01 0.40 -23.53
O AR7 G 4 2.88 -0.01 -24.68
CB AR7 G 4 1.02 1.90 -23.34
CG AR7 G 4 -0.36 2.18 -22.72
CD AR7 G 4 -0.94 3.48 -23.26
NE AR7 G 4 -1.09 3.46 -24.72
CZ AR7 G 4 -2.05 2.79 -25.37
NH1 AR7 G 4 -2.10 2.82 -26.70
NH2 AR7 G 4 -2.96 2.10 -24.69
C ACE H 1 -3.70 -42.60 -24.62
O ACE H 1 -2.95 -43.52 -25.03
CH3 ACE H 1 -5.16 -42.54 -25.15
N LEU H 2 -3.17 -41.68 -23.80
CA LEU H 2 -3.75 -40.49 -23.13
C LEU H 2 -4.42 -39.33 -23.95
N LEU H 3 -5.37 -38.88 -23.12
CA LEU H 3 -6.14 -37.77 -23.65
C LEU H 3 -5.71 -36.48 -22.96
N AR7 H 4 -5.80 -35.40 -23.72
CA AR7 H 4 -5.37 -34.12 -23.17
C AR7 H 4 -6.58 -33.20 -23.06
O AR7 H 4 -6.48 -32.09 -22.54
CB AR7 H 4 -4.30 -33.50 -24.07
CG AR7 H 4 -2.94 -34.19 -24.01
CD AR7 H 4 -2.05 -33.74 -25.18
NE AR7 H 4 -1.97 -32.29 -25.29
CZ AR7 H 4 -1.25 -31.52 -24.48
NH1 AR7 H 4 -1.24 -30.21 -24.64
NH2 AR7 H 4 -0.51 -32.06 -23.51
S SO4 I . -2.04 29.88 -6.69
O1 SO4 I . -1.13 30.84 -6.04
O2 SO4 I . -3.26 29.73 -5.87
O3 SO4 I . -2.40 30.37 -8.03
O4 SO4 I . -1.37 28.58 -6.82
S SO4 J . 12.23 30.48 15.52
O1 SO4 J . 11.36 30.06 16.63
O2 SO4 J . 13.07 31.60 15.96
O3 SO4 J . 11.40 30.92 14.39
O4 SO4 J . 13.10 29.35 15.12
S SO4 K . 25.07 7.24 15.93
O1 SO4 K . 26.28 7.46 16.76
O2 SO4 K . 24.02 8.16 16.38
O3 SO4 K . 25.40 7.51 14.52
O4 SO4 K . 24.61 5.86 16.08
S SO4 L . 10.70 35.44 26.84
O1 SO4 L . 9.99 34.95 25.65
O2 SO4 L . 11.77 34.49 27.22
O3 SO4 L . 11.29 36.76 26.54
O4 SO4 L . 9.77 35.58 27.97
S SO4 M . -5.09 14.97 21.32
O1 SO4 M . -4.45 13.70 21.70
O2 SO4 M . -5.64 14.84 19.96
O3 SO4 M . -4.10 16.04 21.34
O4 SO4 M . -6.18 15.28 22.27
S SO4 N . 29.68 4.77 -28.73
O1 SO4 N . 28.81 4.37 -29.86
O2 SO4 N . 30.72 3.75 -28.50
O3 SO4 N . 30.31 6.06 -29.05
O4 SO4 N . 28.86 4.92 -27.51
S SO4 O . 12.28 -14.62 -33.12
O1 SO4 O . 12.88 -15.89 -32.69
O2 SO4 O . 11.57 -14.81 -34.40
O3 SO4 O . 13.36 -13.62 -33.31
O4 SO4 O . 11.34 -14.15 -32.10
S SO4 P . -30.43 -25.32 -33.95
O1 SO4 P . -29.62 -24.31 -33.24
O2 SO4 P . -31.73 -25.49 -33.28
O3 SO4 P . -30.65 -24.86 -35.33
O4 SO4 P . -29.71 -26.60 -33.98
S SO4 Q . -18.70 -23.66 -10.57
O1 SO4 Q . -19.97 -23.06 -11.03
O2 SO4 Q . -18.94 -24.42 -9.34
O3 SO4 Q . -17.72 -22.60 -10.30
O4 SO4 Q . -18.19 -24.56 -11.60
#